data_8G23
#
_entry.id   8G23
#
_cell.length_a   77.720
_cell.length_b   98.893
_cell.length_c   142.136
_cell.angle_alpha   90.000
_cell.angle_beta   90.000
_cell.angle_gamma   90.000
#
_symmetry.space_group_name_H-M   'P 21 21 21'
#
loop_
_entity.id
_entity.type
_entity.pdbx_description
1 polymer 'Cyclic GMP-AMP synthase'
2 polymer 'Palindromic DNA18'
3 non-polymer "ADENOSINE-5'-TRIPHOSPHATE"
4 non-polymer 'MAGNESIUM ION'
5 non-polymer 'ZINC ION'
6 non-polymer '[[(2~{R},3~{R},4~{R},5~{R})-4-[[(2~{R},3~{S},4~{R},5~{R})-5-(6-aminopurin-9-yl)-3,4-bis(oxidanyl)oxolan-2-yl]methoxy-oxidanyl-phosphoryl]oxy-3-oxidanyl-5-(6-oxidanylidene-1~{H}-purin-9-yl)oxolan-2-yl]methoxy-oxidanyl-phosphoryl] phosphono hydrogen phosphate'
7 water water
#
loop_
_entity_poly.entity_id
_entity_poly.type
_entity_poly.pdbx_seq_one_letter_code
_entity_poly.pdbx_strand_id
1 'polypeptide(L)'
;GTGPDKLKKVLDKLRLKRKDISEAAETVNKVVERLLRRMQKRESEFKGVEQLNTGSYYEHVKISAPNEFDVMFKLEVPRI
ELQEYYETGAFYLVKFKRIPRGNPLSHFLEGEVLSATKMLSKFRKIIKEEVKEIKDIDVSVEKEKPGSPAVTLLIRNPEE
ISVDIILALESKGSWPISTKEGLPIQGWLGTKVRTNLRREPFYLVPKNAKDGNSFQGETWRLSFSHTEKYILNNHGIEKT
CCESSGAKCCRKECLKLMKYLLEQLKKEFQELDAFCSYHVKTAIFHMWTQDPQDSQWDPRNLSSCFDKLLAFFLECLRTE
KLDHYFIPKFNLFSQELIDRKSKEFLSKKIEYERNNGFPIFDKL
;
A,C
2 'polydeoxyribonucleotide' (DA)(DT)(DC)(DT)(DG)(DT)(DA)(DC)(DA)(DT)(DG)(DT)(DA)(DC)(DA)(DG)(DA)(DT) E,F,I,J
#
loop_
_chem_comp.id
_chem_comp.type
_chem_comp.name
_chem_comp.formula
ATP non-polymer ADENOSINE-5'-TRIPHOSPHATE 'C10 H16 N5 O13 P3'
DA DNA linking 2'-DEOXYADENOSINE-5'-MONOPHOSPHATE 'C10 H14 N5 O6 P'
DC DNA linking 2'-DEOXYCYTIDINE-5'-MONOPHOSPHATE 'C9 H14 N3 O7 P'
DG DNA linking 2'-DEOXYGUANOSINE-5'-MONOPHOSPHATE 'C10 H14 N5 O7 P'
DT DNA linking THYMIDINE-5'-MONOPHOSPHATE 'C10 H15 N2 O8 P'
MG non-polymer 'MAGNESIUM ION' 'Mg 2'
VWX non-polymer '[[(2~{R},3~{R},4~{R},5~{R})-4-[[(2~{R},3~{S},4~{R},5~{R})-5-(6-aminopurin-9-yl)-3,4-bis(oxidanyl)oxolan-2-yl]methoxy-oxidanyl-phosphoryl]oxy-3-oxidanyl-5-(6-oxidanylidene-1~{H}-purin-9-yl)oxolan-2-yl]methoxy-oxidanyl-phosphoryl] phosphono hydrogen phosphate' 'C20 H27 N9 O20 P4'
ZN non-polymer 'ZINC ION' 'Zn 2'
#
# COMPACT_ATOMS: atom_id res chain seq x y z
N LYS A 6 16.06 26.83 -18.61
CA LYS A 6 17.16 27.35 -17.79
C LYS A 6 17.45 26.40 -16.62
N LEU A 7 16.51 26.30 -15.69
CA LEU A 7 16.62 25.25 -14.68
C LEU A 7 16.38 23.88 -15.31
N LYS A 8 15.64 23.83 -16.42
CA LYS A 8 15.52 22.58 -17.16
C LYS A 8 16.87 22.14 -17.70
N LYS A 9 17.80 23.08 -17.92
CA LYS A 9 19.11 22.72 -18.45
C LYS A 9 20.06 22.23 -17.36
N VAL A 10 19.96 22.77 -16.13
CA VAL A 10 20.74 22.21 -15.02
C VAL A 10 20.40 20.74 -14.81
N LEU A 11 19.10 20.43 -14.78
CA LEU A 11 18.65 19.06 -14.61
C LEU A 11 19.17 18.15 -15.71
N ASP A 12 19.33 18.67 -16.94
CA ASP A 12 19.92 17.86 -18.00
C ASP A 12 21.36 17.49 -17.66
N LYS A 13 22.13 18.48 -17.25
CA LYS A 13 23.49 18.24 -16.76
C LYS A 13 23.47 17.25 -15.60
N LEU A 14 22.56 17.44 -14.63
CA LEU A 14 22.50 16.56 -13.47
C LEU A 14 22.03 15.14 -13.80
N ARG A 15 21.36 14.94 -14.93
CA ARG A 15 20.81 13.64 -15.27
C ARG A 15 21.89 12.58 -15.40
N LEU A 16 21.64 11.42 -14.83
CA LEU A 16 22.57 10.31 -14.94
C LEU A 16 22.46 9.69 -16.33
N LYS A 17 23.57 9.12 -16.78
CA LYS A 17 23.66 8.45 -18.07
C LYS A 17 23.50 6.95 -17.88
N ARG A 18 22.65 6.34 -18.70
CA ARG A 18 22.39 4.91 -18.57
C ARG A 18 23.66 4.06 -18.64
N LYS A 19 24.59 4.43 -19.51
CA LYS A 19 25.85 3.68 -19.62
C LYS A 19 26.63 3.73 -18.31
N ASP A 20 26.75 4.91 -17.70
CA ASP A 20 27.42 5.00 -16.41
C ASP A 20 26.66 4.21 -15.36
N ILE A 21 25.33 4.37 -15.33
CA ILE A 21 24.48 3.62 -14.41
C ILE A 21 24.76 2.12 -14.56
N SER A 22 24.82 1.65 -15.81
CA SER A 22 24.93 0.22 -16.07
C SER A 22 26.26 -0.33 -15.55
N GLU A 23 27.37 0.32 -15.94
CA GLU A 23 28.70 -0.10 -15.48
C GLU A 23 28.86 0.05 -13.98
N ALA A 24 28.37 1.16 -13.39
CA ALA A 24 28.53 1.33 -11.95
C ALA A 24 27.74 0.29 -11.17
N ALA A 25 26.48 0.02 -11.57
CA ALA A 25 25.68 -0.94 -10.81
C ALA A 25 26.21 -2.35 -10.95
N GLU A 26 26.84 -2.68 -12.08
CA GLU A 26 27.39 -4.02 -12.26
C GLU A 26 28.45 -4.31 -11.21
N THR A 27 29.42 -3.43 -11.09
CA THR A 27 30.50 -3.64 -10.12
C THR A 27 29.96 -3.61 -8.70
N VAL A 28 29.13 -2.61 -8.37
CA VAL A 28 28.64 -2.45 -7.00
C VAL A 28 27.90 -3.71 -6.55
N ASN A 29 27.02 -4.23 -7.42
CA ASN A 29 26.22 -5.42 -7.06
C ASN A 29 27.12 -6.65 -6.84
N LYS A 30 28.19 -6.78 -7.62
CA LYS A 30 29.13 -7.90 -7.43
C LYS A 30 29.76 -7.83 -6.03
N VAL A 31 30.26 -6.66 -5.65
CA VAL A 31 30.93 -6.49 -4.37
C VAL A 31 29.95 -6.72 -3.23
N VAL A 32 28.80 -6.03 -3.25
CA VAL A 32 27.81 -6.11 -2.16
C VAL A 32 27.33 -7.54 -1.96
N GLU A 33 26.97 -8.21 -3.06
CA GLU A 33 26.51 -9.59 -2.96
C GLU A 33 27.57 -10.49 -2.36
N ARG A 34 28.85 -10.18 -2.61
CA ARG A 34 29.91 -10.99 -2.02
C ARG A 34 30.03 -10.73 -0.52
N LEU A 35 29.89 -9.48 -0.10
CA LEU A 35 29.94 -9.18 1.31
C LEU A 35 28.76 -9.78 2.05
N LEU A 36 27.57 -9.73 1.43
CA LEU A 36 26.38 -10.28 2.06
C LEU A 36 26.50 -11.79 2.24
N ARG A 37 27.07 -12.48 1.24
CA ARG A 37 27.21 -13.92 1.33
C ARG A 37 28.24 -14.32 2.39
N ARG A 38 29.32 -13.54 2.53
CA ARG A 38 30.29 -13.79 3.58
C ARG A 38 29.68 -13.60 4.96
N MET A 39 28.73 -12.68 5.09
CA MET A 39 28.05 -12.46 6.38
C MET A 39 27.17 -13.63 6.77
N GLN A 40 26.81 -14.49 5.82
CA GLN A 40 25.94 -15.65 6.07
C GLN A 40 26.70 -16.93 6.42
N LYS A 41 28.02 -16.92 6.53
CA LYS A 41 28.76 -18.16 6.67
C LYS A 41 29.16 -18.41 8.13
N ARG A 42 29.92 -19.50 8.33
CA ARG A 42 30.40 -20.05 9.61
C ARG A 42 29.63 -19.65 10.85
N GLU A 43 30.40 -19.51 11.94
CA GLU A 43 29.95 -18.86 13.16
C GLU A 43 30.22 -17.36 13.02
N SER A 44 29.43 -16.75 12.15
CA SER A 44 29.46 -15.31 11.95
C SER A 44 28.28 -14.71 12.69
N GLU A 45 28.56 -13.72 13.53
CA GLU A 45 27.50 -13.08 14.33
C GLU A 45 26.43 -12.45 13.44
N PHE A 46 26.83 -11.96 12.27
CA PHE A 46 25.95 -11.25 11.37
C PHE A 46 25.18 -12.17 10.43
N LYS A 47 25.22 -13.48 10.67
CA LYS A 47 24.38 -14.39 9.90
C LYS A 47 22.91 -14.05 10.14
N GLY A 48 22.11 -14.14 9.08
CA GLY A 48 20.77 -13.62 9.09
C GLY A 48 20.62 -12.20 8.59
N VAL A 49 21.74 -11.46 8.50
CA VAL A 49 21.69 -10.07 8.07
C VAL A 49 21.08 -10.00 6.68
N GLU A 50 20.26 -8.98 6.44
CA GLU A 50 19.54 -8.83 5.18
C GLU A 50 19.82 -7.46 4.57
N GLN A 51 19.67 -7.37 3.25
CA GLN A 51 20.13 -6.19 2.52
C GLN A 51 18.98 -5.27 2.17
N LEU A 52 19.19 -3.97 2.35
CA LEU A 52 18.18 -2.95 2.07
C LEU A 52 18.89 -1.78 1.37
N ASN A 53 18.57 -1.56 0.11
CA ASN A 53 19.16 -0.46 -0.62
C ASN A 53 18.47 0.85 -0.25
N THR A 54 19.23 1.82 0.26
CA THR A 54 18.72 3.12 0.65
C THR A 54 19.44 4.23 -0.11
N GLY A 55 18.99 5.47 0.10
CA GLY A 55 19.75 6.61 -0.34
C GLY A 55 19.33 7.11 -1.70
N SER A 56 20.04 8.14 -2.16
CA SER A 56 19.48 8.90 -3.28
C SER A 56 19.46 8.10 -4.56
N TYR A 57 20.40 7.14 -4.75
CA TYR A 57 20.43 6.37 -5.99
C TYR A 57 19.18 5.51 -6.16
N TYR A 58 18.71 4.89 -5.07
CA TYR A 58 17.53 4.04 -5.09
C TYR A 58 16.26 4.84 -4.96
N GLU A 59 16.37 6.15 -4.68
CA GLU A 59 15.26 7.09 -4.73
C GLU A 59 15.16 7.81 -6.08
N HIS A 60 16.14 7.64 -6.96
CA HIS A 60 16.21 8.33 -8.25
C HIS A 60 16.39 9.84 -8.09
N VAL A 61 17.08 10.29 -7.04
CA VAL A 61 17.48 11.69 -6.94
C VAL A 61 19.00 11.85 -6.80
N LYS A 62 19.77 10.79 -7.06
CA LYS A 62 21.22 10.93 -7.19
C LYS A 62 21.56 11.79 -8.40
N ILE A 63 22.48 12.74 -8.22
CA ILE A 63 22.75 13.73 -9.26
C ILE A 63 24.18 13.60 -9.79
N SER A 64 24.36 14.14 -11.02
CA SER A 64 25.63 14.26 -11.73
C SER A 64 26.20 12.92 -12.20
N ALA A 65 26.57 12.05 -11.26
CA ALA A 65 27.19 10.79 -11.59
C ALA A 65 26.70 9.72 -10.62
N PRO A 66 26.69 8.46 -11.05
CA PRO A 66 26.29 7.34 -10.16
C PRO A 66 27.49 6.81 -9.39
N ASN A 67 28.03 7.63 -8.49
CA ASN A 67 29.29 7.35 -7.83
C ASN A 67 29.17 7.24 -6.31
N GLU A 68 27.95 7.12 -5.76
CA GLU A 68 27.81 6.94 -4.32
C GLU A 68 26.54 6.17 -4.03
N PHE A 69 26.69 4.95 -3.50
CA PHE A 69 25.59 4.04 -3.19
C PHE A 69 25.52 3.83 -1.69
N ASP A 70 24.32 3.58 -1.16
CA ASP A 70 24.15 3.32 0.27
C ASP A 70 23.31 2.06 0.50
N VAL A 71 23.85 1.12 1.26
CA VAL A 71 23.22 -0.19 1.50
C VAL A 71 23.19 -0.44 3.00
N MET A 72 22.02 -0.77 3.55
CA MET A 72 21.98 -1.25 4.93
C MET A 72 22.10 -2.76 4.94
N PHE A 73 22.91 -3.27 5.86
CA PHE A 73 22.95 -4.68 6.21
C PHE A 73 22.22 -4.78 7.54
N LYS A 74 20.95 -5.10 7.47
CA LYS A 74 20.06 -5.02 8.63
C LYS A 74 19.94 -6.38 9.29
N LEU A 75 19.91 -6.38 10.61
CA LEU A 75 19.87 -7.62 11.40
C LEU A 75 18.71 -7.54 12.38
N GLU A 76 17.73 -8.43 12.23
CA GLU A 76 16.61 -8.50 13.16
C GLU A 76 17.05 -8.98 14.53
N VAL A 77 16.52 -8.34 15.58
CA VAL A 77 16.74 -8.74 16.97
C VAL A 77 15.49 -8.52 17.82
N PRO A 78 14.95 -9.57 18.46
CA PRO A 78 13.87 -9.37 19.46
C PRO A 78 14.35 -8.71 20.75
N ARG A 79 13.73 -9.03 21.89
CA ARG A 79 14.07 -8.45 23.20
C ARG A 79 13.91 -6.93 23.25
N ILE A 80 14.60 -6.21 22.36
CA ILE A 80 14.50 -4.76 22.30
C ILE A 80 14.98 -4.16 23.61
N GLU A 81 14.06 -3.70 24.45
CA GLU A 81 14.40 -2.96 25.66
C GLU A 81 15.28 -1.75 25.33
N LEU A 82 14.69 -0.66 24.88
CA LEU A 82 15.43 0.57 24.57
C LEU A 82 15.46 1.50 25.78
N GLN A 83 16.48 2.36 25.81
CA GLN A 83 16.54 3.41 26.80
C GLN A 83 17.00 4.66 26.09
N GLU A 84 16.14 5.67 26.04
CA GLU A 84 16.49 6.90 25.34
C GLU A 84 17.66 7.57 26.02
N TYR A 85 18.56 8.09 25.21
CA TYR A 85 19.79 8.68 25.69
C TYR A 85 19.54 10.15 26.00
N TYR A 86 19.20 10.45 27.26
CA TYR A 86 19.15 11.82 27.78
C TYR A 86 18.17 12.71 27.01
N GLU A 87 16.94 12.22 26.85
CA GLU A 87 15.86 13.01 26.22
C GLU A 87 16.24 13.57 24.83
N THR A 88 17.20 12.98 24.13
CA THR A 88 17.60 13.55 22.84
C THR A 88 16.74 13.09 21.68
N GLY A 89 15.82 12.15 21.90
CA GLY A 89 14.89 11.77 20.85
C GLY A 89 15.44 10.78 19.83
N ALA A 90 16.69 10.95 19.44
CA ALA A 90 17.26 10.17 18.36
C ALA A 90 18.23 9.08 18.82
N PHE A 91 18.82 9.19 20.00
CA PHE A 91 19.89 8.30 20.41
C PHE A 91 19.44 7.39 21.55
N TYR A 92 19.79 6.11 21.45
CA TYR A 92 19.32 5.12 22.41
C TYR A 92 20.45 4.20 22.84
N LEU A 93 20.28 3.62 24.03
CA LEU A 93 20.99 2.41 24.45
C LEU A 93 20.12 1.18 24.23
N VAL A 94 20.73 0.10 23.76
CA VAL A 94 20.04 -1.18 23.52
C VAL A 94 20.38 -2.15 24.64
N LYS A 95 19.37 -2.62 25.37
CA LYS A 95 19.58 -3.62 26.44
C LYS A 95 18.72 -4.86 26.23
N GLY A 102 23.39 -19.21 23.91
CA GLY A 102 24.39 -19.27 22.86
C GLY A 102 24.28 -18.09 21.88
N ASN A 103 23.52 -17.05 22.29
CA ASN A 103 23.21 -15.81 21.57
C ASN A 103 24.42 -15.30 20.82
N PRO A 104 24.37 -15.13 19.50
CA PRO A 104 25.60 -14.74 18.77
C PRO A 104 26.09 -13.33 19.05
N LEU A 105 25.20 -12.44 19.47
CA LEU A 105 25.62 -11.10 19.85
C LEU A 105 26.20 -11.05 21.25
N SER A 106 26.35 -12.21 21.90
CA SER A 106 26.87 -12.25 23.27
C SER A 106 28.24 -11.60 23.36
N HIS A 107 29.07 -11.78 22.32
CA HIS A 107 30.43 -11.25 22.36
C HIS A 107 30.46 -9.72 22.32
N PHE A 108 29.33 -9.06 22.04
CA PHE A 108 29.26 -7.61 22.01
C PHE A 108 28.55 -7.00 23.21
N LEU A 109 28.10 -7.81 24.18
CA LEU A 109 27.51 -7.23 25.38
C LEU A 109 28.58 -6.70 26.33
N GLU A 110 28.21 -5.65 27.04
CA GLU A 110 28.93 -5.16 28.21
C GLU A 110 27.96 -5.22 29.37
N GLY A 111 27.61 -6.44 29.78
CA GLY A 111 26.59 -6.67 30.77
C GLY A 111 25.29 -6.00 30.38
N GLU A 112 24.42 -6.74 29.68
CA GLU A 112 23.08 -6.31 29.30
C GLU A 112 23.04 -5.32 28.14
N VAL A 113 24.09 -4.51 27.98
CA VAL A 113 24.07 -3.39 27.03
C VAL A 113 24.86 -3.76 25.78
N LEU A 114 24.19 -3.66 24.63
CA LEU A 114 24.80 -3.98 23.34
C LEU A 114 25.70 -2.83 22.90
N SER A 115 27.01 -3.06 22.93
CA SER A 115 27.98 -2.03 22.53
C SER A 115 27.96 -1.87 21.03
N ALA A 116 27.80 -0.61 20.57
CA ALA A 116 27.73 -0.31 19.15
C ALA A 116 29.10 -0.30 18.50
N THR A 117 30.14 0.26 19.15
CA THR A 117 31.43 0.27 18.47
C THR A 117 32.05 -1.12 18.45
N LYS A 118 31.77 -1.95 19.47
CA LYS A 118 32.19 -3.35 19.43
C LYS A 118 31.57 -4.07 18.24
N MET A 119 30.27 -3.92 18.03
CA MET A 119 29.63 -4.59 16.88
C MET A 119 30.19 -4.06 15.56
N LEU A 120 30.36 -2.74 15.45
CA LEU A 120 30.84 -2.14 14.20
C LEU A 120 32.30 -2.50 13.92
N SER A 121 33.11 -2.73 14.94
CA SER A 121 34.48 -3.20 14.67
C SER A 121 34.46 -4.60 14.07
N LYS A 122 33.80 -5.54 14.73
CA LYS A 122 33.76 -6.90 14.19
C LYS A 122 33.15 -6.90 12.77
N PHE A 123 32.09 -6.14 12.57
CA PHE A 123 31.55 -5.93 11.22
C PHE A 123 32.63 -5.42 10.26
N ARG A 124 33.44 -4.47 10.71
CA ARG A 124 34.45 -3.86 9.84
C ARG A 124 35.58 -4.83 9.53
N LYS A 125 36.02 -5.59 10.54
CA LYS A 125 37.06 -6.59 10.33
C LYS A 125 36.65 -7.59 9.24
N ILE A 126 35.37 -7.98 9.23
CA ILE A 126 34.92 -8.97 8.27
C ILE A 126 34.94 -8.40 6.87
N ILE A 127 34.41 -7.17 6.70
CA ILE A 127 34.40 -6.56 5.38
C ILE A 127 35.83 -6.43 4.84
N LYS A 128 36.75 -5.94 5.69
CA LYS A 128 38.13 -5.73 5.24
C LYS A 128 38.75 -7.03 4.75
N GLU A 129 38.47 -8.14 5.44
CA GLU A 129 38.97 -9.44 5.00
C GLU A 129 38.35 -9.84 3.68
N GLU A 130 37.06 -9.64 3.52
CA GLU A 130 36.44 -10.03 2.26
C GLU A 130 36.95 -9.16 1.10
N VAL A 131 37.22 -7.87 1.34
CA VAL A 131 37.76 -7.01 0.28
C VAL A 131 39.17 -7.45 -0.08
N LYS A 132 39.92 -7.99 0.89
CA LYS A 132 41.27 -8.46 0.63
C LYS A 132 41.28 -9.60 -0.39
N GLU A 133 40.26 -10.46 -0.36
CA GLU A 133 40.16 -11.60 -1.27
C GLU A 133 39.46 -11.26 -2.58
N ILE A 134 39.10 -9.99 -2.81
CA ILE A 134 38.49 -9.57 -4.06
C ILE A 134 39.61 -9.21 -5.02
N LYS A 135 39.64 -9.86 -6.19
CA LYS A 135 40.65 -9.60 -7.21
C LYS A 135 40.11 -9.25 -8.60
N ASP A 136 38.81 -9.43 -8.87
CA ASP A 136 38.25 -8.94 -10.13
C ASP A 136 38.19 -7.41 -10.16
N ILE A 137 38.04 -6.78 -9.00
CA ILE A 137 37.68 -5.38 -8.88
C ILE A 137 38.75 -4.66 -8.05
N ASP A 138 38.97 -3.38 -8.38
CA ASP A 138 39.87 -2.50 -7.63
C ASP A 138 39.09 -1.82 -6.52
N VAL A 139 39.21 -2.33 -5.30
CA VAL A 139 38.38 -1.87 -4.19
C VAL A 139 39.17 -1.91 -2.89
N SER A 140 39.19 -0.79 -2.16
CA SER A 140 39.71 -0.77 -0.79
C SER A 140 38.64 -0.27 0.18
N VAL A 141 38.96 -0.35 1.47
CA VAL A 141 38.08 0.12 2.54
C VAL A 141 38.61 1.45 3.05
N GLU A 142 37.75 2.46 3.08
CA GLU A 142 38.15 3.80 3.51
C GLU A 142 38.41 3.81 5.01
N LYS A 143 39.48 4.50 5.40
CA LYS A 143 39.77 4.85 6.79
C LYS A 143 38.50 5.25 7.53
N GLU A 144 38.33 4.74 8.75
CA GLU A 144 37.13 5.01 9.52
C GLU A 144 36.98 6.51 9.79
N LYS A 145 35.75 7.03 9.57
CA LYS A 145 35.36 8.41 9.87
C LYS A 145 34.64 8.43 11.21
N PRO A 146 35.05 9.31 12.13
CA PRO A 146 34.28 9.49 13.36
C PRO A 146 32.89 10.05 13.07
N GLY A 147 31.91 9.61 13.85
CA GLY A 147 30.54 10.04 13.64
C GLY A 147 29.92 9.40 12.41
N SER A 148 30.27 8.14 12.13
CA SER A 148 29.76 7.47 10.96
C SER A 148 29.51 5.98 11.23
N PRO A 149 28.30 5.50 11.01
CA PRO A 149 28.04 4.07 11.13
C PRO A 149 28.42 3.25 9.91
N ALA A 150 29.13 3.84 8.96
CA ALA A 150 29.32 3.18 7.67
C ALA A 150 30.68 2.48 7.60
N VAL A 151 30.74 1.45 6.77
CA VAL A 151 32.00 0.95 6.27
C VAL A 151 32.03 1.28 4.78
N THR A 152 32.78 2.30 4.40
CA THR A 152 32.79 2.78 3.02
C THR A 152 33.80 2.00 2.20
N LEU A 153 33.37 1.54 1.02
CA LEU A 153 34.25 0.98 0.02
C LEU A 153 34.49 2.02 -1.04
N LEU A 154 35.75 2.21 -1.41
CA LEU A 154 36.09 2.99 -2.59
C LEU A 154 36.45 2.04 -3.72
N ILE A 155 35.68 2.10 -4.81
CA ILE A 155 35.90 1.28 -5.99
C ILE A 155 36.45 2.19 -7.08
N ARG A 156 37.49 1.73 -7.76
CA ARG A 156 38.04 2.38 -8.96
C ARG A 156 37.64 1.53 -10.16
N ASN A 157 36.54 1.91 -10.79
CA ASN A 157 35.88 1.25 -11.92
C ASN A 157 36.41 1.86 -13.21
N PRO A 158 37.75 1.99 -13.36
CA PRO A 158 38.36 3.31 -13.56
C PRO A 158 37.75 4.42 -12.72
N GLU A 159 36.45 4.71 -12.86
CA GLU A 159 35.79 5.79 -12.14
C GLU A 159 35.72 5.52 -10.63
N GLU A 160 35.83 6.59 -9.84
CA GLU A 160 35.71 6.48 -8.40
C GLU A 160 34.24 6.34 -7.99
N ILE A 161 33.95 5.31 -7.20
CA ILE A 161 32.60 4.99 -6.74
C ILE A 161 32.69 4.57 -5.28
N SER A 162 32.01 5.27 -4.39
CA SER A 162 32.00 4.82 -3.01
C SER A 162 30.69 4.12 -2.65
N VAL A 163 30.75 3.26 -1.65
CA VAL A 163 29.64 2.45 -1.17
C VAL A 163 29.61 2.50 0.36
N ASP A 164 28.53 3.02 0.93
CA ASP A 164 28.38 3.02 2.38
C ASP A 164 27.65 1.74 2.78
N ILE A 165 28.35 0.80 3.41
CA ILE A 165 27.69 -0.33 4.04
C ILE A 165 27.34 0.09 5.46
N ILE A 166 26.05 0.28 5.73
CA ILE A 166 25.59 0.72 7.03
C ILE A 166 25.12 -0.49 7.82
N LEU A 167 25.68 -0.71 9.00
CA LEU A 167 25.21 -1.79 9.86
C LEU A 167 23.95 -1.35 10.59
N ALA A 168 22.93 -2.18 10.61
CA ALA A 168 21.68 -1.74 11.22
C ALA A 168 21.00 -2.85 12.02
N LEU A 169 20.58 -2.52 13.23
CA LEU A 169 19.63 -3.37 13.94
C LEU A 169 18.21 -3.14 13.42
N GLU A 170 17.47 -4.21 13.22
CA GLU A 170 16.05 -4.16 12.85
C GLU A 170 15.17 -4.57 14.03
N SER A 171 14.18 -3.74 14.38
CA SER A 171 13.23 -4.08 15.42
C SER A 171 11.81 -3.93 14.89
N LYS A 172 10.97 -4.91 15.17
CA LYS A 172 9.63 -4.97 14.61
C LYS A 172 8.56 -4.41 15.54
N GLY A 173 8.93 -3.96 16.73
CA GLY A 173 7.94 -3.42 17.64
C GLY A 173 7.50 -2.04 17.23
N SER A 174 6.60 -1.46 18.04
CA SER A 174 6.15 -0.10 17.79
C SER A 174 7.33 0.86 17.82
N TRP A 175 7.22 1.94 17.06
CA TRP A 175 8.28 2.92 17.01
C TRP A 175 8.40 3.64 18.37
N PRO A 176 9.57 4.19 18.68
CA PRO A 176 9.74 4.79 20.01
C PRO A 176 8.96 6.09 20.13
N ILE A 177 8.46 6.31 21.34
CA ILE A 177 7.55 7.39 21.72
C ILE A 177 7.94 8.74 21.13
N SER A 178 9.24 8.94 20.93
CA SER A 178 9.75 10.21 20.42
C SER A 178 9.34 10.48 18.98
N THR A 179 8.78 9.50 18.28
CA THR A 179 8.32 9.65 16.91
C THR A 179 6.82 9.70 16.80
N LYS A 180 6.12 9.63 17.93
CA LYS A 180 4.66 9.56 17.92
C LYS A 180 4.07 10.73 17.15
N GLU A 181 4.56 11.94 17.39
CA GLU A 181 4.07 13.09 16.67
C GLU A 181 4.91 13.38 15.43
N GLY A 182 5.78 12.47 15.01
CA GLY A 182 6.56 12.65 13.80
C GLY A 182 5.82 12.10 12.61
N LEU A 183 6.42 12.27 11.43
CA LEU A 183 5.86 11.75 10.17
C LEU A 183 4.47 12.32 9.96
N PRO A 184 4.35 13.64 9.78
CA PRO A 184 3.02 14.30 9.72
C PRO A 184 2.42 14.36 8.32
N ILE A 185 2.08 13.18 7.79
CA ILE A 185 1.68 13.03 6.39
C ILE A 185 0.15 12.92 6.22
N GLN A 186 -0.62 13.22 7.27
CA GLN A 186 -2.05 12.95 7.27
C GLN A 186 -2.79 13.79 6.24
N GLY A 187 -2.35 15.02 6.02
CA GLY A 187 -3.00 15.82 5.01
C GLY A 187 -2.41 15.69 3.64
N TRP A 188 -1.40 14.81 3.49
CA TRP A 188 -0.65 14.71 2.26
C TRP A 188 -0.72 13.29 1.73
N LEU A 189 -0.11 12.32 2.39
CA LEU A 189 -0.25 10.92 2.00
C LEU A 189 -1.36 10.21 2.79
N GLY A 190 -1.80 10.80 3.90
CA GLY A 190 -2.99 10.33 4.57
C GLY A 190 -2.69 9.35 5.69
N THR A 191 -3.79 8.95 6.35
CA THR A 191 -3.64 8.23 7.61
C THR A 191 -3.43 6.73 7.45
N LYS A 192 -4.05 6.12 6.44
CA LYS A 192 -3.79 4.70 6.19
C LYS A 192 -2.32 4.48 5.85
N VAL A 193 -1.77 5.36 4.99
CA VAL A 193 -0.36 5.24 4.62
C VAL A 193 0.53 5.44 5.85
N ARG A 194 0.20 6.43 6.69
CA ARG A 194 0.93 6.60 7.95
C ARG A 194 0.80 5.38 8.86
N THR A 195 -0.41 4.86 9.05
CA THR A 195 -0.53 3.67 9.89
C THR A 195 0.32 2.52 9.37
N ASN A 196 0.25 2.24 8.07
CA ASN A 196 1.05 1.17 7.50
C ASN A 196 2.53 1.43 7.67
N LEU A 197 2.99 2.64 7.32
CA LEU A 197 4.41 2.94 7.42
C LEU A 197 4.92 2.65 8.82
N ARG A 198 4.14 3.03 9.84
CA ARG A 198 4.57 2.85 11.22
C ARG A 198 4.42 1.40 11.69
N ARG A 199 3.78 0.54 10.90
CA ARG A 199 3.82 -0.89 11.13
C ARG A 199 5.06 -1.53 10.56
N GLU A 200 5.74 -0.88 9.61
CA GLU A 200 7.06 -1.30 9.20
C GLU A 200 8.00 -1.26 10.41
N PRO A 201 9.07 -2.05 10.38
CA PRO A 201 10.05 -1.99 11.47
C PRO A 201 10.80 -0.67 11.46
N PHE A 202 11.52 -0.41 12.55
CA PHE A 202 12.43 0.73 12.61
C PHE A 202 13.86 0.23 12.76
N TYR A 203 14.85 1.12 12.61
CA TYR A 203 16.24 0.69 12.58
C TYR A 203 17.11 1.60 13.42
N LEU A 204 18.15 0.99 14.01
CA LEU A 204 19.13 1.68 14.83
C LEU A 204 20.49 1.46 14.20
N VAL A 205 21.19 2.55 13.89
CA VAL A 205 22.52 2.42 13.36
C VAL A 205 23.50 2.82 14.45
N PRO A 206 24.71 2.30 14.43
CA PRO A 206 25.71 2.70 15.44
C PRO A 206 26.39 4.00 15.02
N LYS A 207 25.69 5.11 15.19
CA LYS A 207 26.30 6.41 15.16
C LYS A 207 26.46 6.85 16.61
N ASN A 208 27.45 7.68 16.87
CA ASN A 208 28.00 7.77 18.22
C ASN A 208 27.29 8.90 18.99
N ALA A 209 27.92 9.35 20.09
CA ALA A 209 27.46 10.48 20.92
C ALA A 209 28.47 10.75 22.03
N GLN A 216 28.94 6.15 25.31
CA GLN A 216 29.41 6.79 24.07
C GLN A 216 29.64 5.77 22.95
N GLY A 217 30.39 4.74 23.26
CA GLY A 217 30.49 3.65 22.33
C GLY A 217 29.33 2.69 22.39
N GLU A 218 28.31 3.00 23.17
CA GLU A 218 27.13 2.14 23.29
C GLU A 218 25.83 2.81 22.87
N THR A 219 25.90 3.95 22.17
CA THR A 219 24.71 4.68 21.73
C THR A 219 24.40 4.34 20.27
N TRP A 220 23.12 4.21 19.98
CA TRP A 220 22.64 3.96 18.63
C TRP A 220 21.74 5.11 18.21
N ARG A 221 21.63 5.33 16.90
CA ARG A 221 20.75 6.35 16.33
C ARG A 221 19.62 5.72 15.53
N LEU A 222 18.42 6.30 15.63
CA LEU A 222 17.29 5.86 14.82
C LEU A 222 17.56 6.13 13.35
N SER A 223 17.14 5.20 12.49
CA SER A 223 17.22 5.40 11.05
C SER A 223 15.88 5.10 10.39
N PHE A 224 15.46 5.98 9.49
CA PHE A 224 14.23 5.80 8.74
C PHE A 224 14.51 5.81 7.23
N SER A 225 15.69 5.35 6.82
CA SER A 225 16.02 5.36 5.40
C SER A 225 15.00 4.61 4.58
N HIS A 226 14.45 3.53 5.12
CA HIS A 226 13.46 2.75 4.38
C HIS A 226 12.16 3.51 4.23
N THR A 227 11.76 4.25 5.26
CA THR A 227 10.54 5.04 5.14
C THR A 227 10.74 6.19 4.18
N GLU A 228 11.89 6.86 4.27
CA GLU A 228 12.16 7.94 3.31
C GLU A 228 12.20 7.42 1.88
N LYS A 229 12.71 6.20 1.69
CA LYS A 229 12.71 5.63 0.35
C LYS A 229 11.29 5.41 -0.15
N TYR A 230 10.41 4.91 0.73
CA TYR A 230 9.01 4.79 0.33
C TYR A 230 8.42 6.14 -0.04
N ILE A 231 8.65 7.17 0.80
CA ILE A 231 8.04 8.49 0.56
C ILE A 231 8.53 9.07 -0.75
N LEU A 232 9.85 8.97 -1.01
CA LEU A 232 10.41 9.50 -2.26
C LEU A 232 9.71 8.89 -3.47
N ASN A 233 9.38 7.61 -3.42
CA ASN A 233 8.80 6.94 -4.58
C ASN A 233 7.27 6.86 -4.54
N ASN A 234 6.62 7.48 -3.56
CA ASN A 234 5.15 7.54 -3.47
C ASN A 234 4.83 8.91 -2.88
N HIS A 235 5.15 9.96 -3.62
CA HIS A 235 5.30 11.29 -3.06
C HIS A 235 4.11 12.21 -3.27
N GLY A 236 3.04 11.74 -3.91
CA GLY A 236 1.96 12.66 -4.25
C GLY A 236 0.67 12.46 -3.48
N ILE A 237 -0.17 13.49 -3.45
CA ILE A 237 -1.50 13.28 -2.89
C ILE A 237 -2.33 12.41 -3.84
N GLU A 238 -2.20 12.59 -5.15
CA GLU A 238 -2.87 11.71 -6.12
C GLU A 238 -2.06 10.43 -6.33
N LYS A 239 -2.75 9.29 -6.32
CA LYS A 239 -2.06 8.02 -6.49
C LYS A 239 -1.36 7.93 -7.85
N THR A 240 -1.74 8.76 -8.82
CA THR A 240 -1.13 8.65 -10.14
C THR A 240 -0.01 9.66 -10.35
N CYS A 241 0.32 10.47 -9.35
CA CYS A 241 1.43 11.41 -9.47
C CYS A 241 2.66 10.74 -10.08
N CYS A 242 3.13 11.27 -11.20
CA CYS A 242 4.33 10.81 -11.91
C CYS A 242 4.21 9.43 -12.52
N GLU A 243 3.01 8.87 -12.58
CA GLU A 243 2.84 7.59 -13.23
C GLU A 243 2.46 7.80 -14.69
N SER A 244 2.48 6.71 -15.46
CA SER A 244 2.25 6.83 -16.89
C SER A 244 0.82 7.22 -17.28
N SER A 245 -0.16 7.18 -16.37
CA SER A 245 -1.50 7.70 -16.67
C SER A 245 -1.88 8.82 -15.72
N GLY A 246 -0.90 9.58 -15.27
CA GLY A 246 -1.14 10.64 -14.31
C GLY A 246 -0.26 11.81 -14.67
N ALA A 247 -0.27 12.84 -13.85
CA ALA A 247 0.47 14.05 -14.18
C ALA A 247 1.87 13.99 -13.58
N LYS A 248 2.81 14.55 -14.31
CA LYS A 248 4.16 14.70 -13.78
C LYS A 248 4.22 15.87 -12.79
N CYS A 249 5.02 15.73 -11.75
CA CYS A 249 5.23 16.82 -10.80
C CYS A 249 6.72 17.14 -10.81
N CYS A 250 7.11 18.19 -10.08
CA CYS A 250 8.50 18.59 -10.06
C CYS A 250 9.08 18.49 -8.65
N ARG A 251 8.52 17.57 -7.84
CA ARG A 251 8.96 17.43 -6.46
C ARG A 251 10.38 16.90 -6.39
N LYS A 252 10.71 15.88 -7.21
CA LYS A 252 12.07 15.35 -7.18
C LYS A 252 13.04 16.28 -7.90
N GLU A 253 12.57 17.00 -8.92
CA GLU A 253 13.41 17.95 -9.63
C GLU A 253 13.82 19.08 -8.70
N CYS A 254 12.92 19.51 -7.81
CA CYS A 254 13.29 20.52 -6.82
C CYS A 254 14.34 20.00 -5.86
N LEU A 255 14.11 18.78 -5.31
CA LEU A 255 15.10 18.22 -4.42
C LEU A 255 16.48 18.12 -5.09
N LYS A 256 16.53 17.73 -6.38
CA LYS A 256 17.82 17.62 -7.05
C LYS A 256 18.54 18.97 -7.09
N LEU A 257 17.82 20.01 -7.51
CA LEU A 257 18.43 21.33 -7.59
C LEU A 257 18.97 21.76 -6.23
N MET A 258 18.28 21.40 -5.16
CA MET A 258 18.74 21.82 -3.85
C MET A 258 19.97 21.03 -3.42
N LYS A 259 19.96 19.72 -3.69
CA LYS A 259 21.14 18.91 -3.43
C LYS A 259 22.35 19.49 -4.14
N TYR A 260 22.14 19.99 -5.36
CA TYR A 260 23.24 20.46 -6.21
C TYR A 260 23.78 21.80 -5.72
N LEU A 261 22.89 22.73 -5.39
CA LEU A 261 23.35 23.98 -4.79
C LEU A 261 24.24 23.69 -3.60
N LEU A 262 23.84 22.74 -2.75
CA LEU A 262 24.66 22.43 -1.59
C LEU A 262 25.96 21.77 -2.00
N GLU A 263 25.89 20.77 -2.88
CA GLU A 263 27.10 20.06 -3.30
C GLU A 263 28.13 21.02 -3.89
N GLN A 264 27.74 21.80 -4.89
CA GLN A 264 28.61 22.81 -5.49
C GLN A 264 29.25 23.70 -4.42
N LEU A 265 28.44 24.16 -3.47
CA LEU A 265 28.93 25.07 -2.44
C LEU A 265 29.83 24.33 -1.45
N LYS A 266 29.48 23.09 -1.12
CA LYS A 266 30.22 22.32 -0.12
C LYS A 266 31.61 21.96 -0.61
N LYS A 267 31.81 21.87 -1.93
CA LYS A 267 33.13 21.50 -2.43
C LYS A 267 34.02 22.71 -2.74
N GLU A 268 33.55 23.92 -2.45
CA GLU A 268 34.35 25.14 -2.53
C GLU A 268 34.66 25.76 -1.19
N PHE A 269 33.78 25.61 -0.20
CA PHE A 269 33.92 26.36 1.04
C PHE A 269 33.86 25.39 2.20
N GLN A 270 35.01 25.15 2.84
CA GLN A 270 34.97 24.29 4.01
C GLN A 270 34.30 24.97 5.20
N GLU A 271 33.75 26.16 5.04
CA GLU A 271 32.88 26.68 6.10
C GLU A 271 31.62 25.84 6.23
N LEU A 272 31.35 24.94 5.29
CA LEU A 272 30.06 24.28 5.20
C LEU A 272 30.14 22.78 5.49
N ASP A 273 31.17 22.30 6.19
CA ASP A 273 31.27 20.87 6.46
C ASP A 273 30.25 20.38 7.46
N ALA A 274 29.69 21.26 8.28
CA ALA A 274 28.61 20.84 9.16
C ALA A 274 27.35 20.46 8.40
N PHE A 275 27.17 20.96 7.19
CA PHE A 275 25.94 20.74 6.43
C PHE A 275 26.08 19.51 5.54
N CYS A 276 24.96 18.80 5.35
CA CYS A 276 24.93 17.59 4.54
C CYS A 276 23.63 17.54 3.76
N SER A 277 23.53 16.59 2.82
CA SER A 277 22.35 16.58 2.00
C SER A 277 21.11 16.12 2.78
N TYR A 278 21.28 15.43 3.91
CA TYR A 278 20.12 15.08 4.73
C TYR A 278 19.38 16.32 5.18
N HIS A 279 20.10 17.43 5.36
CA HIS A 279 19.47 18.68 5.73
C HIS A 279 18.50 19.14 4.65
N VAL A 280 18.95 19.12 3.39
CA VAL A 280 18.03 19.55 2.33
C VAL A 280 16.91 18.54 2.15
N LYS A 281 17.20 17.24 2.34
CA LYS A 281 16.14 16.22 2.27
C LYS A 281 15.08 16.47 3.33
N THR A 282 15.50 16.91 4.51
CA THR A 282 14.56 17.12 5.62
C THR A 282 13.73 18.36 5.40
N ALA A 283 14.37 19.46 4.98
CA ALA A 283 13.61 20.68 4.69
C ALA A 283 12.52 20.41 3.67
N ILE A 284 12.83 19.63 2.63
CA ILE A 284 11.83 19.43 1.59
C ILE A 284 10.73 18.43 2.01
N PHE A 285 11.00 17.48 2.92
CA PHE A 285 9.87 16.72 3.46
C PHE A 285 8.88 17.65 4.14
N HIS A 286 9.40 18.72 4.77
CA HIS A 286 8.52 19.68 5.40
C HIS A 286 7.79 20.53 4.36
N MET A 287 8.46 20.86 3.25
CA MET A 287 7.78 21.61 2.20
C MET A 287 6.69 20.76 1.59
N TRP A 288 6.99 19.48 1.30
CA TRP A 288 5.97 18.62 0.75
C TRP A 288 4.78 18.47 1.69
N THR A 289 4.99 18.65 3.02
CA THR A 289 3.87 18.61 3.96
C THR A 289 3.12 19.94 3.97
N GLN A 290 3.86 21.03 3.95
CA GLN A 290 3.26 22.34 3.85
C GLN A 290 2.39 22.48 2.60
N ASP A 291 2.91 22.07 1.43
CA ASP A 291 2.21 22.17 0.15
C ASP A 291 1.83 20.77 -0.33
N PRO A 292 0.72 20.22 0.17
CA PRO A 292 0.37 18.82 -0.17
C PRO A 292 0.00 18.61 -1.62
N GLN A 293 -0.77 19.53 -2.21
CA GLN A 293 -1.40 19.29 -3.51
C GLN A 293 -0.34 19.02 -4.57
N ASP A 294 -0.66 18.15 -5.52
CA ASP A 294 0.24 17.99 -6.66
C ASP A 294 0.31 19.25 -7.49
N SER A 295 -0.76 20.07 -7.49
CA SER A 295 -0.73 21.31 -8.25
C SER A 295 0.23 22.32 -7.68
N GLN A 296 0.56 22.23 -6.41
CA GLN A 296 1.60 23.12 -5.93
C GLN A 296 2.99 22.67 -6.35
N TRP A 297 3.09 21.63 -7.15
CA TRP A 297 4.37 21.20 -7.70
C TRP A 297 4.22 20.90 -9.18
N ASP A 298 3.48 21.77 -9.88
CA ASP A 298 3.39 21.71 -11.33
C ASP A 298 4.78 21.86 -11.95
N PRO A 299 5.15 21.02 -12.93
CA PRO A 299 6.45 21.18 -13.60
C PRO A 299 6.70 22.57 -14.14
N ARG A 300 5.67 23.28 -14.60
CA ARG A 300 5.88 24.61 -15.19
C ARG A 300 6.17 25.68 -14.15
N ASN A 301 5.95 25.41 -12.87
CA ASN A 301 6.33 26.35 -11.83
C ASN A 301 7.59 25.93 -11.09
N LEU A 302 8.53 25.30 -11.82
CA LEU A 302 9.76 24.81 -11.22
C LEU A 302 10.60 25.93 -10.62
N SER A 303 10.71 27.07 -11.30
CA SER A 303 11.39 28.22 -10.70
C SER A 303 10.80 28.57 -9.33
N SER A 304 9.51 28.88 -9.29
CA SER A 304 8.88 29.28 -8.03
C SER A 304 8.91 28.17 -6.99
N CYS A 305 8.75 26.90 -7.41
CA CYS A 305 8.82 25.81 -6.44
C CYS A 305 10.21 25.76 -5.79
N PHE A 306 11.26 25.66 -6.61
CA PHE A 306 12.62 25.75 -6.11
C PHE A 306 12.83 27.03 -5.30
N ASP A 307 12.24 28.14 -5.75
CA ASP A 307 12.43 29.39 -5.01
C ASP A 307 11.81 29.33 -3.62
N LYS A 308 10.59 28.80 -3.48
CA LYS A 308 10.02 28.75 -2.16
C LYS A 308 10.81 27.81 -1.26
N LEU A 309 11.37 26.75 -1.84
CA LEU A 309 12.17 25.82 -1.06
C LEU A 309 13.39 26.53 -0.48
N LEU A 310 14.01 27.42 -1.27
CA LEU A 310 15.16 28.18 -0.77
C LEU A 310 14.75 29.15 0.33
N ALA A 311 13.68 29.91 0.10
CA ALA A 311 13.10 30.74 1.16
C ALA A 311 12.92 29.93 2.45
N PHE A 312 12.33 28.74 2.33
CA PHE A 312 12.08 27.92 3.51
C PHE A 312 13.40 27.50 4.17
N PHE A 313 14.34 26.98 3.39
CA PHE A 313 15.64 26.61 3.93
C PHE A 313 16.33 27.80 4.59
N LEU A 314 16.17 28.99 4.01
CA LEU A 314 16.80 30.18 4.59
C LEU A 314 16.20 30.52 5.96
N GLU A 315 14.88 30.45 6.08
CA GLU A 315 14.26 30.70 7.37
C GLU A 315 14.74 29.70 8.43
N CYS A 316 14.87 28.42 8.04
CA CYS A 316 15.41 27.40 8.95
C CYS A 316 16.81 27.76 9.43
N LEU A 317 17.68 28.19 8.51
CA LEU A 317 19.02 28.61 8.90
C LEU A 317 18.97 29.80 9.86
N ARG A 318 18.11 30.78 9.58
CA ARG A 318 18.15 32.04 10.33
C ARG A 318 17.56 31.86 11.73
N THR A 319 16.45 31.16 11.84
CA THR A 319 15.89 30.84 13.14
C THR A 319 16.58 29.66 13.81
N GLU A 320 17.67 29.17 13.23
CA GLU A 320 18.26 27.85 13.48
C GLU A 320 17.25 26.84 14.02
N LYS A 321 16.37 26.36 13.14
CA LYS A 321 15.38 25.35 13.51
C LYS A 321 15.05 24.53 12.28
N LEU A 322 15.39 23.24 12.35
CA LEU A 322 15.06 22.27 11.30
C LEU A 322 14.78 20.94 12.00
N ASP A 323 13.51 20.69 12.30
CA ASP A 323 13.17 19.50 13.08
C ASP A 323 13.35 18.24 12.25
N HIS A 324 13.89 17.21 12.88
CA HIS A 324 13.90 15.91 12.23
C HIS A 324 12.47 15.58 11.81
N TYR A 325 12.31 15.11 10.58
CA TYR A 325 10.97 14.86 10.07
C TYR A 325 10.29 13.74 10.85
N PHE A 326 11.07 12.83 11.39
CA PHE A 326 10.53 11.70 12.13
C PHE A 326 10.65 11.85 13.64
N ILE A 327 11.56 12.69 14.12
CA ILE A 327 11.73 12.85 15.56
C ILE A 327 11.64 14.34 15.85
N PRO A 328 10.43 14.87 16.10
CA PRO A 328 10.24 16.33 16.10
C PRO A 328 11.09 17.08 17.09
N LYS A 329 11.40 16.50 18.25
CA LYS A 329 12.14 17.28 19.24
C LYS A 329 13.61 17.40 18.91
N PHE A 330 14.09 16.67 17.92
CA PHE A 330 15.47 16.74 17.50
C PHE A 330 15.62 17.81 16.44
N ASN A 331 16.46 18.81 16.72
CA ASN A 331 16.70 19.95 15.84
C ASN A 331 18.08 19.82 15.21
N LEU A 332 18.14 19.48 13.92
CA LEU A 332 19.42 19.32 13.24
C LEU A 332 20.19 20.64 13.16
N PHE A 333 19.51 21.78 13.30
CA PHE A 333 20.10 23.11 13.19
C PHE A 333 20.27 23.78 14.55
N SER A 334 20.13 23.02 15.63
CA SER A 334 20.42 23.52 16.96
C SER A 334 21.82 24.14 17.05
N GLN A 335 22.04 25.02 18.03
CA GLN A 335 23.36 25.63 18.19
C GLN A 335 24.41 24.61 18.60
N GLU A 336 24.01 23.54 19.33
CA GLU A 336 25.00 22.54 19.73
C GLU A 336 25.50 21.71 18.55
N LEU A 337 24.81 21.72 17.42
CA LEU A 337 25.25 20.95 16.27
C LEU A 337 25.98 21.79 15.24
N ILE A 338 25.55 23.03 15.01
CA ILE A 338 26.13 23.90 14.00
C ILE A 338 26.17 25.32 14.54
N ASP A 339 27.30 26.00 14.35
CA ASP A 339 27.48 27.37 14.84
C ASP A 339 26.56 28.34 14.12
N ARG A 340 26.19 29.41 14.84
CA ARG A 340 25.58 30.55 14.15
C ARG A 340 26.47 30.99 13.00
N LYS A 341 27.78 31.01 13.24
CA LYS A 341 28.76 31.33 12.19
C LYS A 341 28.50 30.52 10.93
N SER A 342 28.38 29.19 11.06
CA SER A 342 28.24 28.37 9.87
C SER A 342 26.90 28.59 9.19
N LYS A 343 25.84 28.78 9.98
CA LYS A 343 24.52 29.00 9.40
C LYS A 343 24.42 30.34 8.67
N GLU A 344 24.92 31.42 9.30
CA GLU A 344 24.93 32.72 8.62
C GLU A 344 25.77 32.68 7.33
N PHE A 345 26.89 31.97 7.33
CA PHE A 345 27.72 31.87 6.12
C PHE A 345 26.96 31.25 4.96
N LEU A 346 26.18 30.19 5.24
CA LEU A 346 25.37 29.54 4.20
C LEU A 346 24.15 30.37 3.84
N SER A 347 23.61 31.16 4.77
CA SER A 347 22.50 32.05 4.43
C SER A 347 22.91 33.09 3.40
N LYS A 348 24.09 33.70 3.57
CA LYS A 348 24.59 34.67 2.62
C LYS A 348 24.82 34.03 1.26
N LYS A 349 25.49 32.87 1.24
CA LYS A 349 25.84 32.21 -0.02
C LYS A 349 24.61 31.77 -0.80
N ILE A 350 23.58 31.27 -0.11
CA ILE A 350 22.33 30.90 -0.75
C ILE A 350 21.60 32.15 -1.27
N GLU A 351 21.42 33.15 -0.40
CA GLU A 351 20.88 34.44 -0.83
C GLU A 351 21.61 34.97 -2.06
N TYR A 352 22.94 34.85 -2.06
CA TYR A 352 23.72 35.35 -3.18
C TYR A 352 23.40 34.58 -4.47
N GLU A 353 23.47 33.24 -4.42
CA GLU A 353 23.09 32.44 -5.59
C GLU A 353 21.70 32.84 -6.06
N ARG A 354 20.78 32.97 -5.09
CA ARG A 354 19.38 33.23 -5.39
C ARG A 354 19.22 34.49 -6.22
N ASN A 355 19.92 35.56 -5.86
CA ASN A 355 19.68 36.88 -6.42
C ASN A 355 20.75 37.30 -7.42
N ASN A 356 21.32 36.33 -8.14
CA ASN A 356 22.32 36.64 -9.15
C ASN A 356 22.33 35.58 -10.25
N GLY A 357 21.23 34.83 -10.40
CA GLY A 357 21.09 33.86 -11.48
C GLY A 357 21.77 32.53 -11.26
N PHE A 358 22.10 32.17 -10.03
CA PHE A 358 22.77 30.91 -9.72
C PHE A 358 24.03 30.68 -10.57
N PRO A 359 25.01 31.58 -10.49
CA PRO A 359 26.27 31.34 -11.22
C PRO A 359 26.97 30.04 -10.85
N ILE A 360 26.71 29.46 -9.68
CA ILE A 360 27.37 28.23 -9.29
C ILE A 360 26.89 27.04 -10.10
N PHE A 361 25.70 27.13 -10.69
CA PHE A 361 25.19 26.04 -11.52
C PHE A 361 26.05 25.84 -12.77
N ASP A 362 26.71 26.89 -13.26
CA ASP A 362 27.49 26.81 -14.48
C ASP A 362 28.93 26.36 -14.24
N LYS A 363 29.30 26.06 -13.00
CA LYS A 363 30.66 25.66 -12.73
C LYS A 363 30.86 24.23 -13.22
N LYS B 6 -33.37 15.57 1.06
CA LYS B 6 -34.12 14.69 0.18
C LYS B 6 -33.38 13.37 0.02
N LEU B 7 -32.40 13.35 -0.88
CA LEU B 7 -31.57 12.16 -1.00
C LEU B 7 -30.78 11.92 0.28
N LYS B 8 -30.31 13.01 0.92
CA LYS B 8 -29.78 12.91 2.28
C LYS B 8 -30.73 12.14 3.17
N LYS B 9 -32.03 12.51 3.12
CA LYS B 9 -32.99 11.88 4.02
C LYS B 9 -33.17 10.39 3.73
N VAL B 10 -33.08 9.98 2.46
CA VAL B 10 -33.05 8.55 2.19
C VAL B 10 -31.83 7.91 2.84
N LEU B 11 -30.67 8.58 2.74
CA LEU B 11 -29.45 8.02 3.32
C LEU B 11 -29.54 7.94 4.83
N ASP B 12 -30.21 8.90 5.48
CA ASP B 12 -30.49 8.77 6.90
C ASP B 12 -31.31 7.50 7.19
N LYS B 13 -32.30 7.21 6.34
CA LYS B 13 -33.14 6.03 6.56
C LYS B 13 -32.37 4.74 6.33
N LEU B 14 -31.52 4.70 5.31
CA LEU B 14 -30.80 3.46 4.97
C LEU B 14 -29.67 3.15 5.96
N ARG B 15 -29.29 4.10 6.79
CA ARG B 15 -28.14 3.93 7.65
C ARG B 15 -28.37 2.84 8.69
N LEU B 16 -27.38 1.95 8.84
CA LEU B 16 -27.47 0.96 9.89
C LEU B 16 -27.31 1.64 11.24
N LYS B 17 -27.81 0.98 12.27
CA LYS B 17 -27.74 1.52 13.62
C LYS B 17 -26.61 0.86 14.40
N ARG B 18 -25.93 1.67 15.22
CA ARG B 18 -24.79 1.17 15.97
C ARG B 18 -25.15 -0.01 16.86
N LYS B 19 -26.30 0.04 17.55
CA LYS B 19 -26.73 -1.09 18.36
C LYS B 19 -27.02 -2.32 17.50
N ASP B 20 -27.79 -2.13 16.42
CA ASP B 20 -28.10 -3.23 15.50
C ASP B 20 -26.83 -3.87 14.97
N ILE B 21 -25.82 -3.06 14.65
CA ILE B 21 -24.52 -3.58 14.22
C ILE B 21 -23.88 -4.41 15.34
N SER B 22 -23.93 -3.91 16.58
CA SER B 22 -23.33 -4.61 17.71
C SER B 22 -23.97 -5.98 17.92
N GLU B 23 -25.29 -6.01 17.98
CA GLU B 23 -26.00 -7.24 18.29
C GLU B 23 -25.81 -8.27 17.17
N ALA B 24 -26.02 -7.87 15.91
CA ALA B 24 -25.90 -8.83 14.82
C ALA B 24 -24.48 -9.36 14.73
N ALA B 25 -23.48 -8.48 14.86
CA ALA B 25 -22.10 -8.90 14.65
C ALA B 25 -21.68 -9.95 15.66
N GLU B 26 -22.16 -9.85 16.90
CA GLU B 26 -21.68 -10.77 17.92
C GLU B 26 -22.25 -12.17 17.70
N THR B 27 -23.51 -12.26 17.26
CA THR B 27 -24.09 -13.57 16.93
C THR B 27 -23.45 -14.18 15.69
N VAL B 28 -23.25 -13.39 14.63
CA VAL B 28 -22.60 -13.91 13.43
C VAL B 28 -21.19 -14.39 13.77
N ASN B 29 -20.45 -13.58 14.53
CA ASN B 29 -19.08 -13.96 14.87
C ASN B 29 -19.04 -15.23 15.70
N LYS B 30 -19.98 -15.39 16.64
CA LYS B 30 -20.10 -16.64 17.39
C LYS B 30 -20.24 -17.84 16.45
N VAL B 31 -21.21 -17.78 15.53
CA VAL B 31 -21.44 -18.89 14.61
C VAL B 31 -20.21 -19.13 13.73
N VAL B 32 -19.71 -18.09 13.04
CA VAL B 32 -18.67 -18.28 12.03
C VAL B 32 -17.37 -18.79 12.63
N GLU B 33 -17.04 -18.37 13.85
CA GLU B 33 -15.86 -18.90 14.51
C GLU B 33 -15.99 -20.41 14.72
N ARG B 34 -17.15 -20.84 15.25
CA ARG B 34 -17.37 -22.25 15.54
C ARG B 34 -17.29 -23.11 14.28
N LEU B 35 -17.88 -22.66 13.16
CA LEU B 35 -17.71 -23.42 11.92
C LEU B 35 -16.25 -23.50 11.53
N LEU B 36 -15.53 -22.38 11.66
CA LEU B 36 -14.16 -22.34 11.19
C LEU B 36 -13.24 -23.21 12.06
N ARG B 37 -13.50 -23.26 13.37
CA ARG B 37 -12.86 -24.26 14.22
C ARG B 37 -13.06 -25.65 13.67
N ARG B 38 -14.32 -26.02 13.38
CA ARG B 38 -14.64 -27.36 12.91
C ARG B 38 -13.82 -27.76 11.69
N MET B 39 -13.63 -26.84 10.76
CA MET B 39 -12.84 -27.18 9.57
C MET B 39 -11.38 -27.45 9.91
N GLN B 40 -10.91 -26.97 11.07
CA GLN B 40 -9.49 -27.06 11.44
C GLN B 40 -9.23 -28.21 12.38
N LYS B 41 -9.63 -28.02 13.64
CA LYS B 41 -9.33 -28.95 14.72
C LYS B 41 -10.14 -30.23 14.55
N ARG B 42 -10.53 -30.50 13.31
CA ARG B 42 -10.97 -31.81 12.85
C ARG B 42 -10.23 -32.13 11.56
N GLU B 43 -9.71 -33.35 11.47
CA GLU B 43 -8.86 -33.78 10.35
C GLU B 43 -9.71 -34.00 9.11
N SER B 44 -10.11 -32.89 8.51
CA SER B 44 -10.96 -32.85 7.34
C SER B 44 -10.18 -32.37 6.12
N GLU B 45 -10.81 -32.48 4.95
CA GLU B 45 -10.21 -32.01 3.71
C GLU B 45 -10.02 -30.51 3.67
N PHE B 46 -10.58 -29.79 4.64
CA PHE B 46 -10.55 -28.33 4.65
C PHE B 46 -9.70 -27.78 5.79
N LYS B 47 -8.87 -28.60 6.41
CA LYS B 47 -7.86 -28.10 7.33
C LYS B 47 -6.90 -27.20 6.56
N GLY B 48 -6.61 -26.03 7.12
CA GLY B 48 -5.88 -24.98 6.44
C GLY B 48 -6.75 -23.85 5.93
N VAL B 49 -8.08 -23.99 6.04
CA VAL B 49 -8.99 -22.99 5.51
C VAL B 49 -8.91 -21.76 6.41
N GLU B 50 -8.77 -20.59 5.79
CA GLU B 50 -8.70 -19.33 6.51
C GLU B 50 -9.88 -18.44 6.15
N GLN B 51 -10.30 -17.61 7.10
CA GLN B 51 -11.46 -16.76 6.92
C GLN B 51 -11.10 -15.45 6.23
N LEU B 52 -11.97 -15.02 5.31
CA LEU B 52 -11.84 -13.71 4.65
C LEU B 52 -13.22 -13.09 4.56
N ASN B 53 -13.41 -11.94 5.20
CA ASN B 53 -14.72 -11.31 5.17
C ASN B 53 -14.90 -10.49 3.89
N THR B 54 -16.07 -10.61 3.27
CA THR B 54 -16.35 -9.95 2.00
C THR B 54 -17.74 -9.34 2.01
N GLY B 55 -18.04 -8.58 0.96
CA GLY B 55 -19.40 -8.09 0.75
C GLY B 55 -19.65 -6.73 1.35
N SER B 56 -20.94 -6.34 1.32
CA SER B 56 -21.23 -4.93 1.56
C SER B 56 -21.12 -4.55 3.03
N TYR B 57 -21.42 -5.48 3.95
CA TYR B 57 -21.28 -5.16 5.36
C TYR B 57 -19.83 -4.80 5.70
N TYR B 58 -18.87 -5.51 5.12
CA TYR B 58 -17.45 -5.26 5.37
C TYR B 58 -16.88 -4.19 4.48
N GLU B 59 -17.57 -3.81 3.40
CA GLU B 59 -17.23 -2.65 2.59
C GLU B 59 -17.91 -1.38 3.07
N HIS B 60 -18.73 -1.47 4.11
CA HIS B 60 -19.45 -0.32 4.65
C HIS B 60 -20.40 0.28 3.61
N VAL B 61 -21.02 -0.58 2.80
CA VAL B 61 -22.07 -0.14 1.90
C VAL B 61 -23.37 -0.93 2.10
N LYS B 62 -23.48 -1.65 3.22
CA LYS B 62 -24.72 -2.31 3.61
C LYS B 62 -25.78 -1.28 3.99
N ILE B 63 -27.03 -1.52 3.58
CA ILE B 63 -28.12 -0.57 3.76
C ILE B 63 -29.23 -1.22 4.58
N SER B 64 -30.04 -0.38 5.22
CA SER B 64 -31.29 -0.76 5.91
C SER B 64 -31.11 -1.51 7.23
N ALA B 65 -30.40 -2.63 7.21
CA ALA B 65 -30.23 -3.44 8.40
C ALA B 65 -29.00 -4.33 8.25
N PRO B 66 -28.23 -4.56 9.32
CA PRO B 66 -27.14 -5.56 9.27
C PRO B 66 -27.62 -7.00 9.25
N ASN B 67 -28.28 -7.43 8.16
CA ASN B 67 -28.96 -8.71 8.12
C ASN B 67 -28.44 -9.64 7.02
N GLU B 68 -27.31 -9.33 6.40
CA GLU B 68 -26.71 -10.24 5.42
C GLU B 68 -25.18 -10.11 5.44
N PHE B 69 -24.49 -11.23 5.68
CA PHE B 69 -23.04 -11.27 5.83
C PHE B 69 -22.47 -12.32 4.90
N ASP B 70 -21.32 -12.03 4.29
CA ASP B 70 -20.69 -12.93 3.32
C ASP B 70 -19.27 -13.25 3.77
N VAL B 71 -18.98 -14.54 3.96
CA VAL B 71 -17.70 -14.98 4.49
C VAL B 71 -17.10 -16.01 3.55
N MET B 72 -15.89 -15.76 3.10
CA MET B 72 -15.13 -16.74 2.34
C MET B 72 -14.31 -17.60 3.31
N PHE B 73 -14.35 -18.91 3.10
CA PHE B 73 -13.37 -19.83 3.70
C PHE B 73 -12.41 -20.20 2.58
N LYS B 74 -11.32 -19.45 2.48
CA LYS B 74 -10.35 -19.68 1.43
C LYS B 74 -9.43 -20.80 1.84
N LEU B 75 -9.03 -21.62 0.86
CA LEU B 75 -8.13 -22.74 1.12
C LEU B 75 -7.03 -22.70 0.06
N GLU B 76 -5.78 -22.66 0.53
CA GLU B 76 -4.63 -22.59 -0.38
C GLU B 76 -4.37 -23.96 -0.98
N VAL B 77 -4.22 -24.01 -2.30
CA VAL B 77 -4.09 -25.25 -3.04
C VAL B 77 -2.72 -25.26 -3.71
N PRO B 78 -1.90 -26.28 -3.49
CA PRO B 78 -0.58 -26.33 -4.14
C PRO B 78 -0.68 -26.52 -5.65
N ARG B 79 -0.72 -25.41 -6.40
CA ARG B 79 -0.78 -25.35 -7.87
C ARG B 79 -1.82 -26.25 -8.54
N ILE B 80 -2.18 -25.98 -9.79
CA ILE B 80 -2.50 -24.68 -10.38
C ILE B 80 -3.54 -25.04 -11.44
N GLU B 81 -3.18 -26.00 -12.28
CA GLU B 81 -3.64 -26.16 -13.66
C GLU B 81 -5.09 -25.73 -13.87
N LEU B 82 -5.26 -24.66 -14.65
CA LEU B 82 -6.56 -24.12 -15.03
C LEU B 82 -6.80 -24.32 -16.52
N GLN B 83 -8.05 -24.56 -16.88
CA GLN B 83 -8.48 -24.59 -18.27
C GLN B 83 -9.79 -23.83 -18.39
N GLU B 84 -9.81 -22.84 -19.29
CA GLU B 84 -10.97 -21.97 -19.43
C GLU B 84 -12.13 -22.74 -20.05
N TYR B 85 -13.31 -22.65 -19.42
CA TYR B 85 -14.52 -23.33 -19.90
C TYR B 85 -15.05 -22.58 -21.10
N TYR B 86 -14.80 -23.12 -22.28
CA TYR B 86 -15.12 -22.46 -23.55
C TYR B 86 -14.30 -21.16 -23.57
N GLU B 87 -14.91 -20.03 -23.87
CA GLU B 87 -14.27 -18.72 -23.76
C GLU B 87 -15.15 -17.78 -22.95
N THR B 88 -15.74 -18.29 -21.86
CA THR B 88 -16.64 -17.49 -21.04
C THR B 88 -15.91 -16.44 -20.23
N GLY B 89 -14.62 -16.64 -19.97
CA GLY B 89 -13.81 -15.71 -19.22
C GLY B 89 -13.71 -16.00 -17.74
N ALA B 90 -14.83 -16.37 -17.11
CA ALA B 90 -14.91 -16.48 -15.66
C ALA B 90 -15.02 -17.90 -15.14
N PHE B 91 -15.27 -18.88 -16.00
CA PHE B 91 -15.47 -20.25 -15.57
C PHE B 91 -14.31 -21.11 -16.04
N TYR B 92 -13.86 -21.99 -15.14
CA TYR B 92 -12.62 -22.73 -15.34
C TYR B 92 -12.80 -24.15 -14.83
N LEU B 93 -12.14 -25.09 -15.51
CA LEU B 93 -11.91 -26.44 -14.99
C LEU B 93 -10.60 -26.46 -14.22
N VAL B 94 -10.63 -26.99 -12.99
CA VAL B 94 -9.44 -27.09 -12.16
C VAL B 94 -8.88 -28.50 -12.26
N LYS B 95 -7.59 -28.60 -12.58
CA LYS B 95 -6.89 -29.87 -12.63
C LYS B 95 -5.61 -29.74 -11.81
N PHE B 96 -4.93 -30.87 -11.62
CA PHE B 96 -3.60 -30.89 -11.01
C PHE B 96 -2.58 -31.42 -12.03
N ASN B 103 -2.03 -36.12 -0.37
CA ASN B 103 -2.95 -35.06 -0.75
C ASN B 103 -4.34 -35.33 -0.12
N PRO B 104 -5.01 -34.26 0.35
CA PRO B 104 -6.30 -34.42 1.02
C PRO B 104 -7.47 -34.54 0.04
N LEU B 105 -7.48 -33.62 -0.93
CA LEU B 105 -8.57 -33.39 -1.85
C LEU B 105 -8.73 -34.55 -2.83
N SER B 106 -8.04 -35.66 -2.59
CA SER B 106 -8.14 -36.81 -3.50
C SER B 106 -9.58 -37.33 -3.56
N HIS B 107 -10.36 -37.10 -2.50
CA HIS B 107 -11.74 -37.57 -2.46
C HIS B 107 -12.66 -36.80 -3.41
N PHE B 108 -12.17 -35.78 -4.12
CA PHE B 108 -13.03 -34.86 -4.87
C PHE B 108 -12.71 -34.85 -6.37
N LEU B 109 -12.48 -36.01 -6.99
CA LEU B 109 -12.27 -36.02 -8.44
C LEU B 109 -13.36 -36.83 -9.18
N VAL B 113 -9.89 -34.42 -12.33
CA VAL B 113 -10.40 -33.05 -12.34
C VAL B 113 -11.05 -32.73 -11.01
N LEU B 114 -10.72 -31.56 -10.44
CA LEU B 114 -11.21 -31.19 -9.11
C LEU B 114 -12.64 -30.68 -9.22
N SER B 115 -13.59 -31.49 -8.77
CA SER B 115 -15.01 -31.22 -8.98
C SER B 115 -15.56 -30.26 -7.93
N ALA B 116 -16.16 -29.17 -8.39
CA ALA B 116 -16.75 -28.20 -7.46
C ALA B 116 -17.92 -28.80 -6.70
N THR B 117 -18.81 -29.54 -7.39
CA THR B 117 -19.99 -30.10 -6.71
C THR B 117 -19.59 -31.02 -5.57
N LYS B 118 -18.66 -31.95 -5.82
CA LYS B 118 -18.29 -32.92 -4.80
C LYS B 118 -17.59 -32.26 -3.63
N MET B 119 -16.75 -31.25 -3.89
CA MET B 119 -16.09 -30.55 -2.79
C MET B 119 -17.09 -29.71 -2.00
N LEU B 120 -18.01 -29.02 -2.69
CA LEU B 120 -19.05 -28.26 -2.03
C LEU B 120 -19.92 -29.14 -1.14
N SER B 121 -20.27 -30.35 -1.63
CA SER B 121 -21.15 -31.21 -0.86
C SER B 121 -20.52 -31.63 0.47
N LYS B 122 -19.25 -32.04 0.45
CA LYS B 122 -18.61 -32.37 1.72
C LYS B 122 -18.65 -31.18 2.66
N PHE B 123 -18.13 -30.03 2.18
CA PHE B 123 -18.20 -28.74 2.86
C PHE B 123 -19.58 -28.49 3.46
N ARG B 124 -20.60 -28.54 2.59
CA ARG B 124 -21.97 -28.37 3.06
C ARG B 124 -22.31 -29.37 4.15
N LYS B 125 -21.85 -30.63 4.01
CA LYS B 125 -22.18 -31.68 4.97
C LYS B 125 -21.54 -31.41 6.32
N ILE B 126 -20.33 -30.84 6.34
CA ILE B 126 -19.69 -30.47 7.60
C ILE B 126 -20.45 -29.33 8.26
N ILE B 127 -20.79 -28.29 7.49
CA ILE B 127 -21.51 -27.18 8.08
C ILE B 127 -22.80 -27.67 8.73
N LYS B 128 -23.55 -28.52 8.02
CA LYS B 128 -24.86 -28.92 8.53
C LYS B 128 -24.73 -29.70 9.82
N GLU B 129 -23.75 -30.60 9.89
CA GLU B 129 -23.48 -31.33 11.12
C GLU B 129 -23.22 -30.37 12.28
N GLU B 130 -22.24 -29.47 12.11
CA GLU B 130 -21.89 -28.53 13.16
C GLU B 130 -23.04 -27.62 13.54
N VAL B 131 -23.96 -27.34 12.60
CA VAL B 131 -25.10 -26.48 12.90
C VAL B 131 -26.14 -27.23 13.76
N LYS B 132 -26.29 -28.55 13.58
CA LYS B 132 -27.15 -29.32 14.48
C LYS B 132 -26.62 -29.27 15.91
N GLU B 133 -25.32 -29.06 16.07
CA GLU B 133 -24.68 -29.01 17.37
C GLU B 133 -24.62 -27.60 17.96
N ILE B 134 -25.41 -26.67 17.45
CA ILE B 134 -25.52 -25.35 18.07
C ILE B 134 -26.83 -25.32 18.85
N LYS B 135 -26.69 -25.13 20.16
CA LYS B 135 -27.82 -24.95 21.05
C LYS B 135 -27.88 -23.55 21.62
N ASP B 136 -26.81 -22.78 21.48
CA ASP B 136 -26.78 -21.40 21.93
C ASP B 136 -27.69 -20.52 21.06
N ILE B 137 -27.49 -20.56 19.74
CA ILE B 137 -28.15 -19.66 18.82
C ILE B 137 -29.17 -20.45 17.98
N ASP B 138 -30.24 -19.75 17.57
CA ASP B 138 -31.25 -20.28 16.66
C ASP B 138 -30.72 -20.11 15.23
N VAL B 139 -30.26 -21.21 14.63
CA VAL B 139 -29.58 -21.10 13.34
C VAL B 139 -29.78 -22.36 12.51
N SER B 140 -30.37 -22.20 11.33
CA SER B 140 -30.62 -23.31 10.40
C SER B 140 -29.80 -23.15 9.12
N VAL B 141 -29.73 -24.23 8.33
CA VAL B 141 -29.08 -24.21 7.03
C VAL B 141 -30.16 -24.15 5.96
N GLU B 142 -30.09 -23.13 5.12
CA GLU B 142 -31.08 -22.95 4.08
C GLU B 142 -30.94 -24.05 3.03
N LYS B 143 -32.09 -24.56 2.55
CA LYS B 143 -32.13 -25.46 1.41
C LYS B 143 -31.18 -25.00 0.32
N GLU B 144 -30.45 -25.97 -0.23
CA GLU B 144 -29.44 -25.69 -1.24
C GLU B 144 -30.06 -25.09 -2.51
N LYS B 145 -29.44 -24.02 -3.01
CA LYS B 145 -29.82 -23.43 -4.29
C LYS B 145 -28.84 -23.93 -5.34
N PRO B 146 -29.28 -24.72 -6.33
CA PRO B 146 -28.33 -25.24 -7.33
C PRO B 146 -27.53 -24.12 -8.00
N GLY B 147 -26.34 -24.48 -8.47
CA GLY B 147 -25.44 -23.50 -9.04
C GLY B 147 -24.65 -22.75 -7.98
N SER B 148 -25.33 -21.85 -7.24
CA SER B 148 -24.80 -20.99 -6.17
C SER B 148 -23.66 -21.61 -5.37
N PRO B 149 -22.59 -20.85 -5.12
CA PRO B 149 -21.45 -21.39 -4.38
C PRO B 149 -21.61 -21.35 -2.86
N ALA B 150 -22.71 -20.83 -2.34
CA ALA B 150 -22.80 -20.52 -0.92
C ALA B 150 -23.48 -21.64 -0.14
N VAL B 151 -23.05 -21.84 1.11
CA VAL B 151 -23.86 -22.51 2.11
C VAL B 151 -24.44 -21.41 2.99
N THR B 152 -25.76 -21.22 2.95
CA THR B 152 -26.39 -20.08 3.60
C THR B 152 -26.97 -20.46 4.95
N LEU B 153 -26.53 -19.76 6.00
CA LEU B 153 -27.10 -19.93 7.33
C LEU B 153 -28.24 -18.93 7.54
N LEU B 154 -29.35 -19.39 8.11
CA LEU B 154 -30.41 -18.49 8.56
C LEU B 154 -30.37 -18.40 10.08
N ILE B 155 -29.99 -17.23 10.59
CA ILE B 155 -29.94 -16.94 12.02
C ILE B 155 -31.19 -16.14 12.38
N ARG B 156 -31.60 -16.22 13.64
CA ARG B 156 -32.82 -15.65 14.13
C ARG B 156 -32.63 -15.28 15.60
N ASN B 157 -31.87 -14.22 15.88
CA ASN B 157 -31.87 -13.68 17.25
C ASN B 157 -32.84 -12.53 17.24
N PRO B 158 -34.06 -12.71 17.73
CA PRO B 158 -35.24 -12.36 16.95
C PRO B 158 -34.96 -12.10 15.47
N GLU B 159 -34.33 -10.95 15.16
CA GLU B 159 -34.17 -10.51 13.77
C GLU B 159 -33.57 -11.60 12.89
N GLU B 160 -34.02 -11.60 11.64
CA GLU B 160 -33.52 -12.53 10.62
C GLU B 160 -32.20 -12.00 10.06
N ILE B 161 -31.15 -12.82 10.16
CA ILE B 161 -29.85 -12.56 9.57
C ILE B 161 -29.47 -13.78 8.76
N SER B 162 -29.03 -13.59 7.52
CA SER B 162 -28.53 -14.69 6.71
C SER B 162 -27.04 -14.53 6.51
N VAL B 163 -26.30 -15.64 6.64
CA VAL B 163 -24.85 -15.69 6.43
C VAL B 163 -24.53 -16.66 5.29
N ASP B 164 -23.80 -16.19 4.28
CA ASP B 164 -23.30 -17.01 3.17
C ASP B 164 -21.87 -17.49 3.50
N ILE B 165 -21.69 -18.79 3.71
CA ILE B 165 -20.34 -19.36 3.82
C ILE B 165 -19.89 -19.77 2.43
N ILE B 166 -18.95 -19.03 1.84
CA ILE B 166 -18.50 -19.29 0.47
C ILE B 166 -17.18 -20.06 0.50
N LEU B 167 -17.19 -21.29 -0.02
CA LEU B 167 -15.95 -22.03 -0.17
C LEU B 167 -15.12 -21.44 -1.31
N ALA B 168 -13.81 -21.36 -1.14
CA ALA B 168 -13.03 -20.79 -2.22
C ALA B 168 -11.65 -21.44 -2.30
N LEU B 169 -11.15 -21.54 -3.54
CA LEU B 169 -9.77 -21.91 -3.78
C LEU B 169 -8.88 -20.68 -3.86
N GLU B 170 -7.70 -20.76 -3.27
CA GLU B 170 -6.72 -19.67 -3.31
C GLU B 170 -5.50 -20.13 -4.10
N SER B 171 -5.22 -19.45 -5.21
CA SER B 171 -4.04 -19.70 -6.04
C SER B 171 -3.13 -18.48 -6.06
N LYS B 172 -1.84 -18.72 -5.84
CA LYS B 172 -0.85 -17.65 -5.78
C LYS B 172 -0.20 -17.32 -7.11
N GLY B 173 -0.46 -18.10 -8.16
CA GLY B 173 0.11 -17.81 -9.46
C GLY B 173 -0.46 -16.56 -10.09
N SER B 174 0.11 -16.19 -11.23
CA SER B 174 -0.41 -14.99 -11.88
C SER B 174 -1.85 -15.21 -12.32
N TRP B 175 -2.58 -14.11 -12.45
CA TRP B 175 -4.01 -14.19 -12.74
C TRP B 175 -4.23 -14.75 -14.15
N PRO B 176 -5.36 -15.41 -14.38
CA PRO B 176 -5.60 -16.01 -15.71
C PRO B 176 -5.66 -14.94 -16.78
N ILE B 177 -5.32 -15.35 -18.01
CA ILE B 177 -5.17 -14.40 -19.10
C ILE B 177 -6.44 -13.61 -19.37
N SER B 178 -7.62 -14.19 -19.10
CA SER B 178 -8.86 -13.47 -19.38
C SER B 178 -8.98 -12.17 -18.57
N THR B 179 -8.15 -11.99 -17.55
CA THR B 179 -8.14 -10.78 -16.75
C THR B 179 -7.02 -9.83 -17.13
N LYS B 180 -6.31 -10.08 -18.23
CA LYS B 180 -5.13 -9.26 -18.50
C LYS B 180 -5.55 -7.82 -18.80
N GLU B 181 -6.63 -7.63 -19.51
CA GLU B 181 -7.13 -6.30 -19.76
C GLU B 181 -8.15 -5.85 -18.73
N GLY B 182 -8.35 -6.63 -17.67
CA GLY B 182 -9.31 -6.27 -16.66
C GLY B 182 -8.78 -5.17 -15.76
N LEU B 183 -9.56 -4.89 -14.70
CA LEU B 183 -9.18 -4.03 -13.58
C LEU B 183 -8.46 -2.78 -14.09
N PRO B 184 -9.14 -1.93 -14.88
CA PRO B 184 -8.45 -0.78 -15.52
C PRO B 184 -8.42 0.44 -14.59
N ILE B 185 -7.58 0.40 -13.56
CA ILE B 185 -7.54 1.46 -12.56
C ILE B 185 -6.40 2.45 -12.82
N GLN B 186 -5.74 2.38 -13.99
CA GLN B 186 -4.48 3.13 -14.21
C GLN B 186 -4.67 4.64 -14.18
N GLY B 187 -5.81 5.15 -14.65
CA GLY B 187 -6.01 6.57 -14.56
C GLY B 187 -6.69 7.02 -13.29
N TRP B 188 -6.93 6.09 -12.35
CA TRP B 188 -7.76 6.32 -11.18
C TRP B 188 -7.00 5.95 -9.90
N LEU B 189 -6.87 4.67 -9.62
CA LEU B 189 -6.03 4.23 -8.53
C LEU B 189 -4.54 4.12 -8.92
N GLY B 190 -4.22 4.01 -10.22
CA GLY B 190 -2.85 4.08 -10.73
C GLY B 190 -2.25 2.70 -11.02
N THR B 191 -1.01 2.75 -11.56
CA THR B 191 -0.32 1.54 -12.03
C THR B 191 0.35 0.78 -10.89
N LYS B 192 0.85 1.47 -9.86
CA LYS B 192 1.41 0.75 -8.73
C LYS B 192 0.33 -0.02 -7.97
N VAL B 193 -0.80 0.64 -7.65
CA VAL B 193 -1.88 -0.05 -6.97
C VAL B 193 -2.32 -1.26 -7.79
N ARG B 194 -2.45 -1.11 -9.11
CA ARG B 194 -2.87 -2.23 -9.96
C ARG B 194 -1.84 -3.36 -9.95
N THR B 195 -0.55 -3.03 -10.11
CA THR B 195 0.44 -4.10 -10.13
C THR B 195 0.40 -4.86 -8.81
N ASN B 196 0.28 -4.14 -7.69
CA ASN B 196 0.28 -4.78 -6.36
C ASN B 196 -0.96 -5.62 -6.16
N LEU B 197 -2.13 -5.11 -6.58
CA LEU B 197 -3.34 -5.91 -6.49
C LEU B 197 -3.19 -7.20 -7.27
N ARG B 198 -2.60 -7.12 -8.45
CA ARG B 198 -2.49 -8.32 -9.27
C ARG B 198 -1.44 -9.28 -8.75
N ARG B 199 -0.59 -8.83 -7.81
CA ARG B 199 0.30 -9.71 -7.08
C ARG B 199 -0.38 -10.48 -5.96
N GLU B 200 -1.57 -10.06 -5.54
CA GLU B 200 -2.35 -10.84 -4.58
C GLU B 200 -2.79 -12.16 -5.22
N PRO B 201 -3.10 -13.17 -4.41
CA PRO B 201 -3.70 -14.37 -4.99
C PRO B 201 -5.05 -14.06 -5.64
N PHE B 202 -5.47 -14.95 -6.53
CA PHE B 202 -6.83 -14.91 -7.04
C PHE B 202 -7.60 -16.12 -6.52
N TYR B 203 -8.93 -16.07 -6.65
CA TYR B 203 -9.78 -17.06 -6.03
C TYR B 203 -10.73 -17.72 -7.02
N LEU B 204 -11.20 -18.90 -6.65
CA LEU B 204 -12.16 -19.65 -7.43
C LEU B 204 -13.23 -20.15 -6.47
N VAL B 205 -14.49 -20.01 -6.87
CA VAL B 205 -15.61 -20.43 -6.03
C VAL B 205 -16.41 -21.46 -6.82
N PRO B 206 -17.11 -22.36 -6.13
CA PRO B 206 -17.82 -23.45 -6.81
C PRO B 206 -19.21 -23.04 -7.27
N LYS B 207 -19.26 -22.04 -8.14
CA LYS B 207 -20.47 -21.73 -8.88
C LYS B 207 -20.40 -22.47 -10.20
N ASN B 208 -21.54 -22.95 -10.69
CA ASN B 208 -21.49 -23.83 -11.86
C ASN B 208 -21.94 -23.15 -13.15
N ALA B 209 -22.64 -23.87 -14.04
CA ALA B 209 -22.90 -23.32 -15.36
C ALA B 209 -24.06 -24.01 -16.10
N GLN B 216 -20.54 -28.76 -16.42
CA GLN B 216 -21.35 -27.90 -15.56
C GLN B 216 -20.99 -28.04 -14.10
N GLY B 217 -20.99 -29.27 -13.58
CA GLY B 217 -20.77 -29.47 -12.16
C GLY B 217 -19.33 -29.40 -11.70
N GLU B 218 -18.38 -29.37 -12.64
CA GLU B 218 -16.96 -29.28 -12.32
C GLU B 218 -16.41 -27.87 -12.48
N THR B 219 -17.22 -26.94 -12.96
CA THR B 219 -16.78 -25.59 -13.18
C THR B 219 -16.66 -24.83 -11.86
N TRP B 220 -15.60 -24.04 -11.76
CA TRP B 220 -15.46 -23.04 -10.73
C TRP B 220 -15.52 -21.67 -11.39
N ARG B 221 -15.76 -20.65 -10.60
CA ARG B 221 -15.80 -19.29 -11.09
C ARG B 221 -14.76 -18.44 -10.37
N LEU B 222 -14.12 -17.54 -11.12
CA LEU B 222 -13.23 -16.56 -10.53
C LEU B 222 -13.97 -15.65 -9.56
N SER B 223 -13.35 -15.40 -8.42
CA SER B 223 -13.79 -14.38 -7.48
C SER B 223 -12.69 -13.35 -7.28
N PHE B 224 -13.10 -12.10 -7.22
CA PHE B 224 -12.21 -11.01 -6.87
C PHE B 224 -12.79 -10.22 -5.70
N SER B 225 -13.50 -10.89 -4.80
CA SER B 225 -14.12 -10.21 -3.67
C SER B 225 -13.08 -9.53 -2.78
N HIS B 226 -11.84 -10.04 -2.77
CA HIS B 226 -10.83 -9.40 -1.95
C HIS B 226 -10.34 -8.11 -2.59
N THR B 227 -10.22 -8.10 -3.92
CA THR B 227 -9.88 -6.87 -4.64
C THR B 227 -11.00 -5.83 -4.54
N GLU B 228 -12.26 -6.25 -4.68
CA GLU B 228 -13.33 -5.25 -4.59
C GLU B 228 -13.39 -4.61 -3.21
N LYS B 229 -13.11 -5.39 -2.16
CA LYS B 229 -13.01 -4.84 -0.81
C LYS B 229 -11.96 -3.74 -0.72
N TYR B 230 -10.75 -4.00 -1.21
CA TYR B 230 -9.71 -2.98 -1.18
C TYR B 230 -10.18 -1.72 -1.89
N ILE B 231 -10.76 -1.87 -3.09
CA ILE B 231 -11.17 -0.70 -3.88
C ILE B 231 -12.22 0.12 -3.14
N LEU B 232 -13.20 -0.54 -2.52
CA LEU B 232 -14.23 0.21 -1.80
C LEU B 232 -13.64 1.02 -0.67
N ASN B 233 -12.57 0.54 -0.04
CA ASN B 233 -11.97 1.25 1.07
C ASN B 233 -10.75 2.07 0.67
N ASN B 234 -10.43 2.07 -0.63
CA ASN B 234 -9.31 2.81 -1.18
C ASN B 234 -9.76 3.35 -2.53
N HIS B 235 -10.82 4.17 -2.49
CA HIS B 235 -11.60 4.47 -3.66
C HIS B 235 -11.28 5.83 -4.27
N GLY B 236 -10.37 6.61 -3.71
CA GLY B 236 -10.10 7.94 -4.18
C GLY B 236 -8.92 8.03 -5.13
N ILE B 237 -8.88 9.11 -5.91
CA ILE B 237 -7.62 9.34 -6.61
C ILE B 237 -6.63 10.03 -5.67
N GLU B 238 -7.11 10.84 -4.71
CA GLU B 238 -6.28 11.35 -3.63
C GLU B 238 -6.20 10.28 -2.54
N LYS B 239 -5.02 10.13 -1.93
CA LYS B 239 -4.83 9.18 -0.84
C LYS B 239 -5.68 9.52 0.38
N THR B 240 -6.19 10.73 0.48
CA THR B 240 -6.89 11.12 1.70
C THR B 240 -8.40 11.10 1.52
N CYS B 241 -8.88 10.67 0.36
CA CYS B 241 -10.32 10.65 0.14
C CYS B 241 -10.99 9.93 1.31
N CYS B 242 -11.92 10.61 1.97
CA CYS B 242 -12.76 10.05 3.04
C CYS B 242 -11.97 9.71 4.30
N GLU B 243 -10.80 10.31 4.51
CA GLU B 243 -10.04 10.18 5.74
C GLU B 243 -10.27 11.39 6.64
N SER B 244 -9.87 11.25 7.90
CA SER B 244 -10.11 12.31 8.88
C SER B 244 -9.37 13.61 8.53
N SER B 245 -8.29 13.53 7.74
CA SER B 245 -7.57 14.72 7.27
C SER B 245 -7.74 14.91 5.77
N GLY B 246 -8.89 14.50 5.21
CA GLY B 246 -9.18 14.70 3.80
C GLY B 246 -10.62 15.13 3.57
N ALA B 247 -10.94 15.31 2.30
CA ALA B 247 -12.30 15.62 1.88
C ALA B 247 -13.15 14.36 1.82
N LYS B 248 -14.39 14.49 2.26
CA LYS B 248 -15.40 13.45 2.05
C LYS B 248 -15.91 13.49 0.60
N CYS B 249 -16.05 12.32 -0.02
CA CYS B 249 -16.70 12.16 -1.31
C CYS B 249 -18.03 11.44 -1.10
N CYS B 250 -18.80 11.30 -2.18
CA CYS B 250 -20.11 10.67 -2.09
C CYS B 250 -20.22 9.39 -2.93
N ARG B 251 -19.08 8.73 -3.15
CA ARG B 251 -19.08 7.51 -3.98
C ARG B 251 -19.86 6.38 -3.32
N LYS B 252 -19.71 6.18 -2.01
CA LYS B 252 -20.39 5.07 -1.37
C LYS B 252 -21.88 5.36 -1.21
N GLU B 253 -22.24 6.62 -0.96
CA GLU B 253 -23.63 7.00 -0.86
C GLU B 253 -24.36 6.79 -2.18
N CYS B 254 -23.67 7.06 -3.32
CA CYS B 254 -24.24 6.76 -4.63
C CYS B 254 -24.42 5.26 -4.84
N LEU B 255 -23.46 4.46 -4.41
CA LEU B 255 -23.65 3.02 -4.50
C LEU B 255 -24.86 2.60 -3.69
N LYS B 256 -24.99 3.13 -2.46
CA LYS B 256 -26.09 2.75 -1.57
C LYS B 256 -27.44 3.13 -2.15
N LEU B 257 -27.53 4.37 -2.67
CA LEU B 257 -28.77 4.81 -3.31
C LEU B 257 -29.14 3.89 -4.47
N MET B 258 -28.17 3.57 -5.31
CA MET B 258 -28.44 2.69 -6.45
C MET B 258 -28.75 1.26 -6.01
N LYS B 259 -28.09 0.76 -4.96
CA LYS B 259 -28.49 -0.53 -4.40
C LYS B 259 -29.91 -0.47 -3.86
N TYR B 260 -30.29 0.66 -3.27
CA TYR B 260 -31.61 0.77 -2.67
C TYR B 260 -32.71 0.77 -3.74
N LEU B 261 -32.52 1.55 -4.80
CA LEU B 261 -33.48 1.57 -5.89
C LEU B 261 -33.71 0.18 -6.45
N LEU B 262 -32.64 -0.62 -6.58
CA LEU B 262 -32.82 -1.95 -7.14
C LEU B 262 -33.46 -2.90 -6.15
N GLU B 263 -33.16 -2.77 -4.84
CA GLU B 263 -33.81 -3.63 -3.85
C GLU B 263 -35.32 -3.37 -3.81
N GLN B 264 -35.73 -2.10 -3.82
CA GLN B 264 -37.15 -1.77 -3.83
C GLN B 264 -37.81 -2.27 -5.11
N LEU B 265 -37.15 -2.08 -6.25
CA LEU B 265 -37.75 -2.52 -7.50
C LEU B 265 -37.81 -4.03 -7.59
N LYS B 266 -36.80 -4.74 -7.07
CA LYS B 266 -36.83 -6.20 -7.14
C LYS B 266 -37.90 -6.77 -6.21
N LYS B 267 -38.08 -6.14 -5.05
CA LYS B 267 -39.03 -6.58 -4.04
C LYS B 267 -40.47 -6.52 -4.55
N GLU B 268 -40.73 -5.63 -5.51
CA GLU B 268 -42.07 -5.36 -6.02
C GLU B 268 -42.35 -6.09 -7.33
N PHE B 269 -41.38 -6.18 -8.21
CA PHE B 269 -41.55 -6.79 -9.52
C PHE B 269 -40.76 -8.09 -9.56
N GLN B 270 -41.47 -9.20 -9.80
CA GLN B 270 -40.81 -10.48 -9.95
C GLN B 270 -40.15 -10.61 -11.32
N GLU B 271 -40.53 -9.74 -12.27
CA GLU B 271 -39.80 -9.65 -13.54
C GLU B 271 -38.33 -9.32 -13.34
N LEU B 272 -37.95 -8.75 -12.20
CA LEU B 272 -36.57 -8.35 -11.94
C LEU B 272 -35.79 -9.39 -11.15
N ASP B 273 -36.23 -10.66 -11.17
CA ASP B 273 -35.53 -11.68 -10.40
C ASP B 273 -34.10 -11.89 -10.91
N ALA B 274 -33.85 -11.65 -12.19
CA ALA B 274 -32.54 -11.88 -12.77
C ALA B 274 -31.53 -10.78 -12.48
N PHE B 275 -31.97 -9.65 -11.95
CA PHE B 275 -31.04 -8.60 -11.55
C PHE B 275 -30.60 -8.81 -10.11
N CYS B 276 -29.44 -8.24 -9.77
CA CYS B 276 -28.88 -8.38 -8.43
C CYS B 276 -27.98 -7.20 -8.11
N SER B 277 -27.60 -7.08 -6.84
CA SER B 277 -26.72 -5.99 -6.41
C SER B 277 -25.39 -5.96 -7.18
N TYR B 278 -24.84 -7.13 -7.56
CA TYR B 278 -23.54 -7.13 -8.24
C TYR B 278 -23.60 -6.37 -9.57
N HIS B 279 -24.77 -6.36 -10.21
CA HIS B 279 -24.93 -5.53 -11.39
C HIS B 279 -24.69 -4.06 -11.03
N VAL B 280 -25.22 -3.62 -9.89
CA VAL B 280 -25.05 -2.24 -9.51
C VAL B 280 -23.62 -1.97 -9.10
N LYS B 281 -23.02 -2.90 -8.35
CA LYS B 281 -21.60 -2.80 -8.01
C LYS B 281 -20.73 -2.67 -9.26
N THR B 282 -20.97 -3.52 -10.27
CA THR B 282 -20.12 -3.50 -11.45
C THR B 282 -20.27 -2.22 -12.23
N ALA B 283 -21.49 -1.72 -12.36
CA ALA B 283 -21.70 -0.47 -13.08
C ALA B 283 -20.98 0.70 -12.40
N ILE B 284 -21.01 0.74 -11.06
CA ILE B 284 -20.43 1.89 -10.41
C ILE B 284 -18.90 1.78 -10.37
N PHE B 285 -18.35 0.58 -10.50
CA PHE B 285 -16.90 0.48 -10.69
C PHE B 285 -16.52 1.14 -11.99
N HIS B 286 -17.32 0.91 -13.03
CA HIS B 286 -17.04 1.52 -14.32
C HIS B 286 -17.16 3.03 -14.25
N MET B 287 -18.22 3.53 -13.61
CA MET B 287 -18.41 4.97 -13.49
C MET B 287 -17.21 5.60 -12.78
N TRP B 288 -16.78 4.99 -11.66
CA TRP B 288 -15.63 5.49 -10.93
C TRP B 288 -14.39 5.52 -11.80
N THR B 289 -14.26 4.57 -12.72
CA THR B 289 -13.12 4.55 -13.61
C THR B 289 -13.20 5.67 -14.61
N GLN B 290 -14.42 5.97 -15.10
CA GLN B 290 -14.58 7.02 -16.09
C GLN B 290 -14.54 8.42 -15.47
N ASP B 291 -15.03 8.58 -14.24
CA ASP B 291 -14.94 9.84 -13.53
C ASP B 291 -13.97 9.68 -12.37
N PRO B 292 -12.65 9.66 -12.62
CA PRO B 292 -11.71 9.33 -11.54
C PRO B 292 -11.57 10.40 -10.47
N GLN B 293 -11.72 11.69 -10.78
CA GLN B 293 -11.39 12.73 -9.80
C GLN B 293 -12.34 12.68 -8.62
N ASP B 294 -11.82 13.04 -7.43
CA ASP B 294 -12.68 13.08 -6.26
C ASP B 294 -13.72 14.19 -6.34
N SER B 295 -13.41 15.26 -7.09
CA SER B 295 -14.33 16.38 -7.17
C SER B 295 -15.56 16.06 -8.01
N GLN B 296 -15.43 15.14 -8.97
CA GLN B 296 -16.61 14.70 -9.68
C GLN B 296 -17.56 13.95 -8.79
N TRP B 297 -17.17 13.72 -7.54
CA TRP B 297 -17.98 13.06 -6.53
C TRP B 297 -18.03 13.90 -5.25
N ASP B 298 -18.12 15.22 -5.44
CA ASP B 298 -18.28 16.12 -4.29
C ASP B 298 -19.63 15.86 -3.62
N PRO B 299 -19.68 15.80 -2.28
CA PRO B 299 -20.96 15.61 -1.59
C PRO B 299 -22.04 16.59 -1.97
N ARG B 300 -21.69 17.86 -2.14
CA ARG B 300 -22.68 18.86 -2.55
C ARG B 300 -23.32 18.55 -3.91
N ASN B 301 -22.77 17.60 -4.67
CA ASN B 301 -23.32 17.21 -5.96
C ASN B 301 -23.86 15.78 -5.94
N LEU B 302 -24.41 15.37 -4.79
CA LEU B 302 -24.96 14.03 -4.67
C LEU B 302 -26.09 13.78 -5.68
N SER B 303 -26.83 14.82 -6.05
CA SER B 303 -27.92 14.62 -6.99
C SER B 303 -27.42 14.26 -8.39
N SER B 304 -26.57 15.12 -8.99
CA SER B 304 -26.14 14.79 -10.35
C SER B 304 -25.27 13.54 -10.39
N CYS B 305 -24.57 13.21 -9.29
CA CYS B 305 -23.81 11.96 -9.27
C CYS B 305 -24.74 10.76 -9.35
N PHE B 306 -25.77 10.71 -8.48
CA PHE B 306 -26.75 9.64 -8.57
C PHE B 306 -27.42 9.63 -9.93
N ASP B 307 -27.68 10.82 -10.49
CA ASP B 307 -28.36 10.87 -11.77
C ASP B 307 -27.46 10.38 -12.90
N LYS B 308 -26.17 10.75 -12.88
CA LYS B 308 -25.31 10.27 -13.94
C LYS B 308 -25.04 8.78 -13.77
N LEU B 309 -25.09 8.27 -12.54
CA LEU B 309 -25.02 6.83 -12.36
C LEU B 309 -26.23 6.14 -12.99
N LEU B 310 -27.42 6.71 -12.81
CA LEU B 310 -28.61 6.15 -13.44
C LEU B 310 -28.48 6.15 -14.94
N ALA B 311 -28.05 7.29 -15.52
CA ALA B 311 -27.92 7.38 -16.97
C ALA B 311 -26.97 6.31 -17.48
N PHE B 312 -25.87 6.08 -16.76
CA PHE B 312 -24.93 5.05 -17.18
C PHE B 312 -25.57 3.67 -17.13
N PHE B 313 -26.27 3.37 -16.02
CA PHE B 313 -26.93 2.08 -15.89
C PHE B 313 -27.98 1.88 -16.97
N LEU B 314 -28.63 2.96 -17.41
CA LEU B 314 -29.58 2.85 -18.53
C LEU B 314 -28.86 2.65 -19.85
N GLU B 315 -27.70 3.30 -20.03
CA GLU B 315 -26.90 3.01 -21.22
C GLU B 315 -26.49 1.55 -21.26
N CYS B 316 -26.09 1.00 -20.12
CA CYS B 316 -25.82 -0.44 -20.02
C CYS B 316 -27.03 -1.26 -20.44
N LEU B 317 -28.21 -0.94 -19.90
CA LEU B 317 -29.41 -1.71 -20.23
C LEU B 317 -29.74 -1.58 -21.72
N ARG B 318 -29.77 -0.34 -22.21
CA ARG B 318 -30.12 -0.07 -23.61
C ARG B 318 -29.24 -0.84 -24.57
N THR B 319 -27.93 -0.89 -24.30
CA THR B 319 -26.99 -1.60 -25.15
C THR B 319 -26.80 -3.05 -24.75
N GLU B 320 -27.58 -3.55 -23.79
CA GLU B 320 -27.43 -4.90 -23.23
C GLU B 320 -25.95 -5.23 -23.00
N LYS B 321 -25.24 -4.34 -22.31
CA LYS B 321 -23.79 -4.44 -22.19
C LYS B 321 -23.32 -3.98 -20.82
N LEU B 322 -22.75 -4.92 -20.05
CA LEU B 322 -22.19 -4.61 -18.72
C LEU B 322 -21.07 -5.61 -18.43
N ASP B 323 -19.84 -5.25 -18.78
CA ASP B 323 -18.74 -6.22 -18.73
C ASP B 323 -18.22 -6.39 -17.31
N HIS B 324 -17.87 -7.62 -16.97
CA HIS B 324 -17.28 -7.91 -15.68
C HIS B 324 -16.04 -7.04 -15.46
N TYR B 325 -16.03 -6.28 -14.37
CA TYR B 325 -14.98 -5.28 -14.18
C TYR B 325 -13.58 -5.88 -14.25
N PHE B 326 -13.43 -7.16 -13.87
CA PHE B 326 -12.15 -7.83 -13.84
C PHE B 326 -11.94 -8.80 -14.99
N ILE B 327 -12.97 -9.06 -15.80
CA ILE B 327 -12.97 -10.08 -16.84
C ILE B 327 -13.72 -9.47 -18.01
N PRO B 328 -13.08 -8.67 -18.86
CA PRO B 328 -13.85 -7.81 -19.76
C PRO B 328 -14.65 -8.57 -20.80
N LYS B 329 -14.25 -9.78 -21.20
CA LYS B 329 -15.03 -10.49 -22.21
C LYS B 329 -16.34 -11.03 -21.67
N PHE B 330 -16.53 -11.04 -20.35
CA PHE B 330 -17.70 -11.63 -19.70
C PHE B 330 -18.77 -10.55 -19.54
N ASN B 331 -19.80 -10.61 -20.39
CA ASN B 331 -20.86 -9.61 -20.39
C ASN B 331 -21.96 -10.07 -19.43
N LEU B 332 -22.12 -9.35 -18.32
CA LEU B 332 -23.17 -9.68 -17.35
C LEU B 332 -24.57 -9.40 -17.90
N PHE B 333 -24.69 -8.58 -18.94
CA PHE B 333 -25.97 -8.29 -19.57
C PHE B 333 -26.16 -9.02 -20.89
N SER B 334 -25.40 -10.08 -21.12
CA SER B 334 -25.53 -10.83 -22.36
C SER B 334 -26.94 -11.39 -22.49
N GLN B 335 -27.38 -11.52 -23.75
CA GLN B 335 -28.69 -12.13 -24.02
C GLN B 335 -28.81 -13.49 -23.34
N GLU B 336 -27.71 -14.24 -23.27
CA GLU B 336 -27.73 -15.58 -22.70
C GLU B 336 -28.12 -15.59 -21.23
N LEU B 337 -28.01 -14.46 -20.54
CA LEU B 337 -28.15 -14.41 -19.09
C LEU B 337 -29.36 -13.61 -18.63
N ILE B 338 -29.70 -12.54 -19.32
CA ILE B 338 -30.91 -11.79 -19.06
C ILE B 338 -31.59 -11.57 -20.40
N ASP B 339 -32.90 -11.82 -20.45
CA ASP B 339 -33.68 -11.61 -21.67
C ASP B 339 -33.85 -10.10 -21.94
N ARG B 340 -34.02 -9.75 -23.21
CA ARG B 340 -34.24 -8.34 -23.55
C ARG B 340 -35.49 -7.80 -22.89
N LYS B 341 -36.51 -8.63 -22.74
CA LYS B 341 -37.72 -8.23 -22.04
C LYS B 341 -37.40 -7.81 -20.59
N SER B 342 -36.57 -8.58 -19.88
CA SER B 342 -36.27 -8.22 -18.50
C SER B 342 -35.55 -6.88 -18.41
N LYS B 343 -34.70 -6.59 -19.40
CA LYS B 343 -33.93 -5.34 -19.37
C LYS B 343 -34.81 -4.14 -19.72
N GLU B 344 -35.64 -4.28 -20.75
CA GLU B 344 -36.56 -3.20 -21.08
C GLU B 344 -37.55 -2.95 -19.95
N PHE B 345 -37.94 -3.99 -19.21
CA PHE B 345 -38.76 -3.77 -18.03
C PHE B 345 -38.03 -2.92 -17.00
N LEU B 346 -36.78 -3.27 -16.71
CA LEU B 346 -36.00 -2.51 -15.73
C LEU B 346 -35.77 -1.08 -16.17
N SER B 347 -35.52 -0.88 -17.47
CA SER B 347 -35.25 0.46 -17.94
C SER B 347 -36.50 1.34 -17.85
N LYS B 348 -37.68 0.77 -18.10
CA LYS B 348 -38.92 1.54 -17.94
C LYS B 348 -39.18 1.86 -16.47
N LYS B 349 -39.06 0.87 -15.59
CA LYS B 349 -39.31 1.15 -14.18
C LYS B 349 -38.31 2.16 -13.63
N ILE B 350 -37.04 2.07 -14.07
CA ILE B 350 -36.01 3.00 -13.59
C ILE B 350 -36.26 4.40 -14.13
N GLU B 351 -36.45 4.54 -15.45
CA GLU B 351 -36.74 5.83 -16.03
C GLU B 351 -37.94 6.48 -15.37
N TYR B 352 -38.92 5.67 -14.92
CA TYR B 352 -40.09 6.21 -14.23
C TYR B 352 -39.71 6.87 -12.91
N GLU B 353 -39.19 6.07 -11.96
CA GLU B 353 -38.75 6.62 -10.68
C GLU B 353 -37.90 7.88 -10.87
N ARG B 354 -37.02 7.86 -11.88
CA ARG B 354 -36.15 8.99 -12.14
C ARG B 354 -36.94 10.25 -12.42
N ASN B 355 -37.86 10.19 -13.38
CA ASN B 355 -38.62 11.35 -13.83
C ASN B 355 -39.78 11.72 -12.91
N ASN B 356 -39.89 11.10 -11.73
CA ASN B 356 -40.96 11.46 -10.80
C ASN B 356 -40.45 11.56 -9.38
N GLY B 357 -39.20 11.98 -9.20
CA GLY B 357 -38.63 12.27 -7.91
C GLY B 357 -38.49 11.07 -7.03
N PHE B 358 -38.48 9.88 -7.62
CA PHE B 358 -38.33 8.61 -6.91
C PHE B 358 -39.42 8.48 -5.85
N PRO B 359 -40.66 8.18 -6.27
CA PRO B 359 -41.67 7.83 -5.27
C PRO B 359 -41.35 6.56 -4.51
N ILE B 360 -40.72 5.59 -5.17
CA ILE B 360 -40.42 4.31 -4.52
C ILE B 360 -39.60 4.47 -3.25
N PHE B 361 -38.82 5.56 -3.13
CA PHE B 361 -37.97 5.74 -1.95
C PHE B 361 -38.77 6.05 -0.70
N ASP B 362 -40.03 6.49 -0.85
CA ASP B 362 -40.89 6.87 0.27
C ASP B 362 -41.67 5.71 0.86
N LYS B 363 -41.55 4.52 0.28
CA LYS B 363 -42.21 3.33 0.80
C LYS B 363 -41.63 2.91 2.16
PG ATP G . 23.54 11.81 -1.62
O1G ATP G . 24.25 12.90 -0.88
O2G ATP G . 23.17 12.13 -3.09
O3G ATP G . 24.33 10.49 -1.59
PB ATP G . 21.60 10.50 0.24
O1B ATP G . 20.16 10.80 0.54
O2B ATP G . 21.90 9.05 -0.17
O3B ATP G . 22.16 11.46 -0.92
PA ATP G . 23.71 10.14 2.25
O1A ATP G . 24.58 11.15 2.90
O2A ATP G . 24.36 9.13 1.28
O3A ATP G . 22.59 10.87 1.42
O5' ATP G . 22.88 9.36 3.35
C5' ATP G . 22.21 8.12 3.05
C4' ATP G . 20.92 8.00 3.83
O4' ATP G . 21.21 7.86 5.25
C3' ATP G . 19.96 9.18 3.73
O3' ATP G . 19.10 9.09 2.59
C2' ATP G . 19.19 9.10 5.06
O2' ATP G . 18.10 8.19 4.98
C1' ATP G . 20.28 8.62 6.02
N9 ATP G . 21.02 9.69 6.69
C8 ATP G . 22.14 10.35 6.25
N7 ATP G . 22.60 11.28 7.07
C5 ATP G . 21.70 11.23 8.13
C6 ATP G . 21.60 11.97 9.33
N6 ATP G . 22.46 12.95 9.67
N1 ATP G . 20.58 11.67 10.17
C2 ATP G . 19.71 10.72 9.82
N3 ATP G . 19.70 9.96 8.73
C4 ATP G . 20.72 10.26 7.91
MG MG H . 24.02 8.64 -1.05
ZN ZN I . 5.24 13.22 -8.92
N1 VWX J . -17.47 -14.78 -6.56
C1 VWX J . -17.98 -14.76 -5.30
N2 VWX J . -17.21 -14.41 -4.23
C2 VWX J . -17.76 -14.39 -2.99
N3 VWX J . -19.05 -14.71 -2.78
C3 VWX J . -19.87 -15.07 -3.81
C4 VWX J . -19.33 -15.10 -5.08
N4 VWX J . -20.31 -15.49 -5.93
C5 VWX J . -21.43 -15.69 -5.20
N5 VWX J . -21.17 -15.44 -3.91
C6 VWX J . -22.21 -15.58 -2.83
O1 VWX J . -23.15 -16.62 -3.15
C7 VWX J . -24.52 -16.18 -3.08
C8 VWX J . -25.28 -16.62 -4.33
O2 VWX J . -24.41 -16.32 -5.42
P1 VWX J . -24.94 -16.04 -6.91
O3 VWX J . -25.90 -17.17 -7.27
O4 VWX J . -23.73 -15.97 -7.84
O5 VWX J . -25.70 -14.60 -6.91
C9 VWX J . -25.09 -13.39 -6.39
C10 VWX J . -26.00 -12.65 -5.41
O6 VWX J . -27.39 -13.03 -5.55
C11 VWX J . -25.88 -11.16 -5.73
C12 VWX J . -25.26 -10.30 -4.61
O7 VWX J . -24.70 -11.05 -3.51
P2 VWX J . -23.78 -10.35 -2.36
O8 VWX J . -22.31 -10.69 -2.59
O9 VWX J . -24.25 -10.82 -1.00
O10 VWX J . -23.94 -8.74 -2.41
P3 VWX J . -23.06 -7.64 -1.59
O11 VWX J . -21.97 -7.01 -2.46
O12 VWX J . -22.41 -8.22 -0.35
O13 VWX J . -24.11 -6.48 -1.19
P4 VWX J . -25.57 -6.77 -0.56
O14 VWX J . -26.62 -6.84 -1.67
O15 VWX J . -25.54 -8.08 0.19
O16 VWX J . -25.81 -5.65 0.44
O17 VWX J . -25.11 -11.05 -6.93
C13 VWX J . -24.80 -12.35 -7.49
N6 VWX J . -23.40 -12.38 -8.08
C14 VWX J . -23.16 -12.64 -9.40
N7 VWX J . -21.82 -12.58 -9.65
C15 VWX J . -21.22 -12.28 -8.47
C16 VWX J . -19.89 -12.09 -8.13
O18 VWX J . -19.02 -12.20 -9.02
N8 VWX J . -19.57 -11.80 -6.84
C17 VWX J . -20.53 -11.67 -5.90
N9 VWX J . -21.82 -11.85 -6.22
C18 VWX J . -22.21 -12.15 -7.48
C19 VWX J . -24.48 -14.67 -2.95
O19 VWX J . -25.43 -14.20 -1.96
C20 VWX J . -23.02 -14.31 -2.66
O20 VWX J . -22.81 -13.81 -1.34
MG MG K . -23.94 -9.27 0.96
ZN ZN L . -14.13 9.10 -0.54
#